data_1BX5
# 
_entry.id   1BX5 
# 
_audit_conform.dict_name       mmcif_pdbx.dic 
_audit_conform.dict_version    5.392 
_audit_conform.dict_location   http://mmcif.pdb.org/dictionaries/ascii/mmcif_pdbx.dic 
# 
loop_
_database_2.database_id 
_database_2.database_code 
_database_2.pdbx_database_accession 
_database_2.pdbx_DOI 
PDB   1BX5         pdb_00001bx5 10.2210/pdb1bx5/pdb 
RCSB  RCSB008176   ?            ?                   
WWPDB D_1000008176 ?            ?                   
# 
loop_
_pdbx_audit_revision_history.ordinal 
_pdbx_audit_revision_history.data_content_type 
_pdbx_audit_revision_history.major_revision 
_pdbx_audit_revision_history.minor_revision 
_pdbx_audit_revision_history.revision_date 
1 'Structure model' 1 0 1999-01-06 
2 'Structure model' 1 1 2008-04-27 
3 'Structure model' 1 2 2011-07-13 
4 'Structure model' 1 3 2022-02-16 
5 'Structure model' 1 4 2024-05-22 
# 
_pdbx_audit_revision_details.ordinal             1 
_pdbx_audit_revision_details.revision_ordinal    1 
_pdbx_audit_revision_details.data_content_type   'Structure model' 
_pdbx_audit_revision_details.provider            repository 
_pdbx_audit_revision_details.type                'Initial release' 
_pdbx_audit_revision_details.description         ? 
_pdbx_audit_revision_details.details             ? 
# 
loop_
_pdbx_audit_revision_group.ordinal 
_pdbx_audit_revision_group.revision_ordinal 
_pdbx_audit_revision_group.data_content_type 
_pdbx_audit_revision_group.group 
1 2 'Structure model' 'Version format compliance' 
2 3 'Structure model' 'Version format compliance' 
3 4 'Structure model' Advisory                    
4 4 'Structure model' 'Data collection'           
5 4 'Structure model' 'Database references'       
6 4 'Structure model' 'Derived calculations'      
7 5 'Structure model' 'Data collection'           
# 
loop_
_pdbx_audit_revision_category.ordinal 
_pdbx_audit_revision_category.revision_ordinal 
_pdbx_audit_revision_category.data_content_type 
_pdbx_audit_revision_category.category 
1 4 'Structure model' database_2                    
2 4 'Structure model' pdbx_nmr_software             
3 4 'Structure model' pdbx_struct_assembly          
4 4 'Structure model' pdbx_struct_oper_list         
5 4 'Structure model' pdbx_validate_polymer_linkage 
6 4 'Structure model' struct_conn                   
7 5 'Structure model' chem_comp_atom                
8 5 'Structure model' chem_comp_bond                
# 
loop_
_pdbx_audit_revision_item.ordinal 
_pdbx_audit_revision_item.revision_ordinal 
_pdbx_audit_revision_item.data_content_type 
_pdbx_audit_revision_item.item 
1 4 'Structure model' '_database_2.pdbx_DOI'                
2 4 'Structure model' '_database_2.pdbx_database_accession' 
3 4 'Structure model' '_pdbx_nmr_software.name'             
4 4 'Structure model' '_struct_conn.pdbx_leaving_atom_flag' 
# 
_pdbx_database_status.status_code                     REL 
_pdbx_database_status.entry_id                        1BX5 
_pdbx_database_status.recvd_initial_deposition_date   1998-09-28 
_pdbx_database_status.deposit_site                    BNL 
_pdbx_database_status.process_site                    RCSB 
_pdbx_database_status.status_code_mr                  REL 
_pdbx_database_status.SG_entry                        . 
_pdbx_database_status.pdb_format_compatible           Y 
_pdbx_database_status.status_code_sf                  ? 
_pdbx_database_status.status_code_cs                  ? 
_pdbx_database_status.status_code_nmr_data            ? 
_pdbx_database_status.methods_development_category    ? 
# 
loop_
_audit_author.name 
_audit_author.pdbx_ordinal 
'Aramini, J.M.' 1 
'Mujeeb, A.'    2 
'Germann, M.W.' 3 
# 
_citation.id                        primary 
_citation.title                     
;NMR solution structures of [d(GCGAAT-3'-3'-alphaT-5'-5'-CGC)2] and its unmodified control.
;
_citation.journal_abbrev            'Nucleic Acids Res.' 
_citation.journal_volume            26 
_citation.page_first                5644 
_citation.page_last                 5654 
_citation.year                      1998 
_citation.journal_id_ASTM           NARHAD 
_citation.country                   UK 
_citation.journal_id_ISSN           0305-1048 
_citation.journal_id_CSD            0389 
_citation.book_publisher            ? 
_citation.pdbx_database_id_PubMed   9837995 
_citation.pdbx_database_id_DOI      10.1093/nar/26.24.5644 
# 
loop_
_citation_author.citation_id 
_citation_author.name 
_citation_author.ordinal 
_citation_author.identifier_ORCID 
primary 'Aramini, J.M.' 1 ? 
primary 'Mujeeb, A.'    2 ? 
primary 'Germann, M.W.' 3 ? 
# 
_entity.id                         1 
_entity.type                       polymer 
_entity.src_method                 syn 
_entity.pdbx_description           
;DNA (5'-D(*GP*CP*GP*AP*AP*TP*(ATD)P*CP*GP*C)-3')
;
_entity.formula_weight             3045.005 
_entity.pdbx_number_of_molecules   2 
_entity.pdbx_ec                    ? 
_entity.pdbx_mutation              
;ALPHA ANOMERIC T, 3'-3' AND 5'-5' PHOSPHODIESTER LINKAGES
;
_entity.pdbx_fragment              ? 
_entity.details                    
;ALPHA ANOMERIC THYMIDINES AT POSITION 7 3'-3' PHOSPHODIESTER LINKAGE BETWEEN T6 AND ALPHAT7 5'-5' PHOSPHODIESTER LINKAGE BETWEEN ALPHAT7 AND C8
;
# 
_entity_poly.entity_id                      1 
_entity_poly.type                           polydeoxyribonucleotide 
_entity_poly.nstd_linkage                   no 
_entity_poly.nstd_monomer                   yes 
_entity_poly.pdbx_seq_one_letter_code       '(DG)(DC)(DG)(DA)(DA)(DT)(ATD)(DC)(DG)(DC)' 
_entity_poly.pdbx_seq_one_letter_code_can   GCGAATTCGC 
_entity_poly.pdbx_strand_id                 A,B 
_entity_poly.pdbx_target_identifier         ? 
# 
loop_
_entity_poly_seq.entity_id 
_entity_poly_seq.num 
_entity_poly_seq.mon_id 
_entity_poly_seq.hetero 
1 1  DG  n 
1 2  DC  n 
1 3  DG  n 
1 4  DA  n 
1 5  DA  n 
1 6  DT  n 
1 7  ATD n 
1 8  DC  n 
1 9  DG  n 
1 10 DC  n 
# 
loop_
_chem_comp.id 
_chem_comp.type 
_chem_comp.mon_nstd_flag 
_chem_comp.name 
_chem_comp.pdbx_synonyms 
_chem_comp.formula 
_chem_comp.formula_weight 
ATD 'DNA linking' n "THYMIDINE-3'-PHOSPHATE"             ? 'C10 H15 N2 O8 P' 322.208 
DA  'DNA linking' y "2'-DEOXYADENOSINE-5'-MONOPHOSPHATE" ? 'C10 H14 N5 O6 P' 331.222 
DC  'DNA linking' y "2'-DEOXYCYTIDINE-5'-MONOPHOSPHATE"  ? 'C9 H14 N3 O7 P'  307.197 
DG  'DNA linking' y "2'-DEOXYGUANOSINE-5'-MONOPHOSPHATE" ? 'C10 H14 N5 O7 P' 347.221 
DT  'DNA linking' y "THYMIDINE-5'-MONOPHOSPHATE"         ? 'C10 H15 N2 O8 P' 322.208 
# 
loop_
_pdbx_poly_seq_scheme.asym_id 
_pdbx_poly_seq_scheme.entity_id 
_pdbx_poly_seq_scheme.seq_id 
_pdbx_poly_seq_scheme.mon_id 
_pdbx_poly_seq_scheme.ndb_seq_num 
_pdbx_poly_seq_scheme.pdb_seq_num 
_pdbx_poly_seq_scheme.auth_seq_num 
_pdbx_poly_seq_scheme.pdb_mon_id 
_pdbx_poly_seq_scheme.auth_mon_id 
_pdbx_poly_seq_scheme.pdb_strand_id 
_pdbx_poly_seq_scheme.pdb_ins_code 
_pdbx_poly_seq_scheme.hetero 
A 1 1  DG  1  1  1  DG  G A . n 
A 1 2  DC  2  2  2  DC  C A . n 
A 1 3  DG  3  3  3  DG  G A . n 
A 1 4  DA  4  4  4  DA  A A . n 
A 1 5  DA  5  5  5  DA  A A . n 
A 1 6  DT  6  6  6  DT  T A . n 
A 1 7  ATD 7  7  7  ATD X A . n 
A 1 8  DC  8  8  8  DC  C A . n 
A 1 9  DG  9  9  9  DG  G A . n 
A 1 10 DC  10 10 10 DC  C A . n 
B 1 1  DG  1  11 11 DG  G B . n 
B 1 2  DC  2  12 12 DC  C B . n 
B 1 3  DG  3  13 13 DG  G B . n 
B 1 4  DA  4  14 14 DA  A B . n 
B 1 5  DA  5  15 15 DA  A B . n 
B 1 6  DT  6  16 16 DT  T B . n 
B 1 7  ATD 7  17 17 ATD X B . n 
B 1 8  DC  8  18 18 DC  C B . n 
B 1 9  DG  9  19 19 DG  G B . n 
B 1 10 DC  10 20 20 DC  C B . n 
# 
_cell.entry_id           1BX5 
_cell.length_a           1.000 
_cell.length_b           1.000 
_cell.length_c           1.000 
_cell.angle_alpha        90.00 
_cell.angle_beta         90.00 
_cell.angle_gamma        90.00 
_cell.Z_PDB              1 
_cell.pdbx_unique_axis   ? 
# 
_symmetry.entry_id                         1BX5 
_symmetry.space_group_name_H-M             'P 1' 
_symmetry.pdbx_full_space_group_name_H-M   ? 
_symmetry.cell_setting                     ? 
_symmetry.Int_Tables_number                1 
# 
_exptl.entry_id          1BX5 
_exptl.method            'SOLUTION NMR' 
_exptl.crystals_number   ? 
# 
_struct.entry_id                  1BX5 
_struct.title                     
;NMR SOLUTION STRUCTURE OF [D(GCGAAT-3'-3'-ALPHAT-5'-5'-CGC)2]
;
_struct.pdbx_model_details        ? 
_struct.pdbx_CASP_flag            ? 
_struct.pdbx_model_type_details   ? 
# 
_struct_keywords.entry_id        1BX5 
_struct_keywords.pdbx_keywords   DNA 
_struct_keywords.text            'ALPHA ANOMERIC, POLARITY REVERSALS, DNA' 
# 
loop_
_struct_asym.id 
_struct_asym.pdbx_blank_PDB_chainid_flag 
_struct_asym.pdbx_modified 
_struct_asym.entity_id 
_struct_asym.details 
A N N 1 ? 
B N N 1 ? 
# 
_struct_ref.id                         1 
_struct_ref.entity_id                  1 
_struct_ref.db_name                    PDB 
_struct_ref.db_code                    1BX5 
_struct_ref.pdbx_db_accession          1BX5 
_struct_ref.pdbx_db_isoform            ? 
_struct_ref.pdbx_seq_one_letter_code   ? 
_struct_ref.pdbx_align_begin           ? 
# 
loop_
_struct_ref_seq.align_id 
_struct_ref_seq.ref_id 
_struct_ref_seq.pdbx_PDB_id_code 
_struct_ref_seq.pdbx_strand_id 
_struct_ref_seq.seq_align_beg 
_struct_ref_seq.pdbx_seq_align_beg_ins_code 
_struct_ref_seq.seq_align_end 
_struct_ref_seq.pdbx_seq_align_end_ins_code 
_struct_ref_seq.pdbx_db_accession 
_struct_ref_seq.db_align_beg 
_struct_ref_seq.pdbx_db_align_beg_ins_code 
_struct_ref_seq.db_align_end 
_struct_ref_seq.pdbx_db_align_end_ins_code 
_struct_ref_seq.pdbx_auth_seq_align_beg 
_struct_ref_seq.pdbx_auth_seq_align_end 
1 1 1BX5 A 1 ? 10 ? 1BX5 1  ? 10 ? 1  10 
2 1 1BX5 B 1 ? 10 ? 1BX5 11 ? 20 ? 11 20 
# 
_pdbx_struct_assembly.id                   1 
_pdbx_struct_assembly.details              author_defined_assembly 
_pdbx_struct_assembly.method_details       ? 
_pdbx_struct_assembly.oligomeric_details   dimeric 
_pdbx_struct_assembly.oligomeric_count     2 
# 
_pdbx_struct_assembly_gen.assembly_id       1 
_pdbx_struct_assembly_gen.oper_expression   1 
_pdbx_struct_assembly_gen.asym_id_list      A,B 
# 
_pdbx_struct_oper_list.id                   1 
_pdbx_struct_oper_list.type                 'identity operation' 
_pdbx_struct_oper_list.name                 1_555 
_pdbx_struct_oper_list.symmetry_operation   x,y,z 
_pdbx_struct_oper_list.matrix[1][1]         1.0000000000 
_pdbx_struct_oper_list.matrix[1][2]         0.0000000000 
_pdbx_struct_oper_list.matrix[1][3]         0.0000000000 
_pdbx_struct_oper_list.vector[1]            0.0000000000 
_pdbx_struct_oper_list.matrix[2][1]         0.0000000000 
_pdbx_struct_oper_list.matrix[2][2]         1.0000000000 
_pdbx_struct_oper_list.matrix[2][3]         0.0000000000 
_pdbx_struct_oper_list.vector[2]            0.0000000000 
_pdbx_struct_oper_list.matrix[3][1]         0.0000000000 
_pdbx_struct_oper_list.matrix[3][2]         0.0000000000 
_pdbx_struct_oper_list.matrix[3][3]         1.0000000000 
_pdbx_struct_oper_list.vector[3]            0.0000000000 
# 
_struct_biol.id   1 
# 
loop_
_struct_conn.id 
_struct_conn.conn_type_id 
_struct_conn.pdbx_leaving_atom_flag 
_struct_conn.pdbx_PDB_id 
_struct_conn.ptnr1_label_asym_id 
_struct_conn.ptnr1_label_comp_id 
_struct_conn.ptnr1_label_seq_id 
_struct_conn.ptnr1_label_atom_id 
_struct_conn.pdbx_ptnr1_label_alt_id 
_struct_conn.pdbx_ptnr1_PDB_ins_code 
_struct_conn.pdbx_ptnr1_standard_comp_id 
_struct_conn.ptnr1_symmetry 
_struct_conn.ptnr2_label_asym_id 
_struct_conn.ptnr2_label_comp_id 
_struct_conn.ptnr2_label_seq_id 
_struct_conn.ptnr2_label_atom_id 
_struct_conn.pdbx_ptnr2_label_alt_id 
_struct_conn.pdbx_ptnr2_PDB_ins_code 
_struct_conn.ptnr1_auth_asym_id 
_struct_conn.ptnr1_auth_comp_id 
_struct_conn.ptnr1_auth_seq_id 
_struct_conn.ptnr2_auth_asym_id 
_struct_conn.ptnr2_auth_comp_id 
_struct_conn.ptnr2_auth_seq_id 
_struct_conn.ptnr2_symmetry 
_struct_conn.pdbx_ptnr3_label_atom_id 
_struct_conn.pdbx_ptnr3_label_seq_id 
_struct_conn.pdbx_ptnr3_label_comp_id 
_struct_conn.pdbx_ptnr3_label_asym_id 
_struct_conn.pdbx_ptnr3_label_alt_id 
_struct_conn.pdbx_ptnr3_PDB_ins_code 
_struct_conn.details 
_struct_conn.pdbx_dist_value 
_struct_conn.pdbx_value_order 
_struct_conn.pdbx_role 
covale1  covale both ? A DT  6  "O3'" ? ? ? 1_555 A ATD 7  P  ? ? A DT  6  A ATD 7  1_555 ? ? ? ? ? ? ?            1.608 ? ? 
covale2  covale one  ? A ATD 7  "O5'" ? ? ? 1_555 A DC  8  P  ? ? A ATD 7  A DC  8  1_555 ? ? ? ? ? ? ?            1.610 ? ? 
covale3  covale both ? B DT  6  "O3'" ? ? ? 1_555 B ATD 7  P  ? ? B DT  16 B ATD 17 1_555 ? ? ? ? ? ? ?            1.601 ? ? 
covale4  covale one  ? B ATD 7  "O5'" ? ? ? 1_555 B DC  8  P  ? ? B ATD 17 B DC  18 1_555 ? ? ? ? ? ? ?            1.609 ? ? 
hydrog1  hydrog ?    ? A DG  1  N1    ? ? ? 1_555 B DC  10 N3 ? ? A DG  1  B DC  20 1_555 ? ? ? ? ? ? WATSON-CRICK ?     ? ? 
hydrog2  hydrog ?    ? A DG  1  N2    ? ? ? 1_555 B DC  10 O2 ? ? A DG  1  B DC  20 1_555 ? ? ? ? ? ? WATSON-CRICK ?     ? ? 
hydrog3  hydrog ?    ? A DG  1  O6    ? ? ? 1_555 B DC  10 N4 ? ? A DG  1  B DC  20 1_555 ? ? ? ? ? ? WATSON-CRICK ?     ? ? 
hydrog4  hydrog ?    ? A DC  2  N3    ? ? ? 1_555 B DG  9  N1 ? ? A DC  2  B DG  19 1_555 ? ? ? ? ? ? WATSON-CRICK ?     ? ? 
hydrog5  hydrog ?    ? A DC  2  N4    ? ? ? 1_555 B DG  9  O6 ? ? A DC  2  B DG  19 1_555 ? ? ? ? ? ? WATSON-CRICK ?     ? ? 
hydrog6  hydrog ?    ? A DC  2  O2    ? ? ? 1_555 B DG  9  N2 ? ? A DC  2  B DG  19 1_555 ? ? ? ? ? ? WATSON-CRICK ?     ? ? 
hydrog7  hydrog ?    ? A DG  3  N1    ? ? ? 1_555 B DC  8  N3 ? ? A DG  3  B DC  18 1_555 ? ? ? ? ? ? WATSON-CRICK ?     ? ? 
hydrog8  hydrog ?    ? A DG  3  N2    ? ? ? 1_555 B DC  8  O2 ? ? A DG  3  B DC  18 1_555 ? ? ? ? ? ? WATSON-CRICK ?     ? ? 
hydrog9  hydrog ?    ? A DG  3  O6    ? ? ? 1_555 B DC  8  N4 ? ? A DG  3  B DC  18 1_555 ? ? ? ? ? ? WATSON-CRICK ?     ? ? 
hydrog10 hydrog ?    ? A DA  4  N1    ? ? ? 1_555 B ATD 7  N3 ? ? A DA  4  B ATD 17 1_555 ? ? ? ? ? ? WATSON-CRICK ?     ? ? 
hydrog11 hydrog ?    ? A DA  4  N6    ? ? ? 1_555 B ATD 7  O4 ? ? A DA  4  B ATD 17 1_555 ? ? ? ? ? ? WATSON-CRICK ?     ? ? 
hydrog12 hydrog ?    ? A DA  5  N1    ? ? ? 1_555 B DT  6  N3 ? ? A DA  5  B DT  16 1_555 ? ? ? ? ? ? WATSON-CRICK ?     ? ? 
hydrog13 hydrog ?    ? A DA  5  N6    ? ? ? 1_555 B DT  6  O4 ? ? A DA  5  B DT  16 1_555 ? ? ? ? ? ? WATSON-CRICK ?     ? ? 
hydrog14 hydrog ?    ? A DT  6  N3    ? ? ? 1_555 B DA  5  N1 ? ? A DT  6  B DA  15 1_555 ? ? ? ? ? ? WATSON-CRICK ?     ? ? 
hydrog15 hydrog ?    ? A DT  6  O4    ? ? ? 1_555 B DA  5  N6 ? ? A DT  6  B DA  15 1_555 ? ? ? ? ? ? WATSON-CRICK ?     ? ? 
hydrog16 hydrog ?    ? A ATD 7  N3    ? ? ? 1_555 B DA  4  N1 ? ? A ATD 7  B DA  14 1_555 ? ? ? ? ? ? WATSON-CRICK ?     ? ? 
hydrog17 hydrog ?    ? A ATD 7  O4    ? ? ? 1_555 B DA  4  N6 ? ? A ATD 7  B DA  14 1_555 ? ? ? ? ? ? WATSON-CRICK ?     ? ? 
hydrog18 hydrog ?    ? A DC  8  N3    ? ? ? 1_555 B DG  3  N1 ? ? A DC  8  B DG  13 1_555 ? ? ? ? ? ? WATSON-CRICK ?     ? ? 
hydrog19 hydrog ?    ? A DC  8  N4    ? ? ? 1_555 B DG  3  O6 ? ? A DC  8  B DG  13 1_555 ? ? ? ? ? ? WATSON-CRICK ?     ? ? 
hydrog20 hydrog ?    ? A DC  8  O2    ? ? ? 1_555 B DG  3  N2 ? ? A DC  8  B DG  13 1_555 ? ? ? ? ? ? WATSON-CRICK ?     ? ? 
hydrog21 hydrog ?    ? A DG  9  N1    ? ? ? 1_555 B DC  2  N3 ? ? A DG  9  B DC  12 1_555 ? ? ? ? ? ? WATSON-CRICK ?     ? ? 
hydrog22 hydrog ?    ? A DG  9  N2    ? ? ? 1_555 B DC  2  O2 ? ? A DG  9  B DC  12 1_555 ? ? ? ? ? ? WATSON-CRICK ?     ? ? 
hydrog23 hydrog ?    ? A DG  9  O6    ? ? ? 1_555 B DC  2  N4 ? ? A DG  9  B DC  12 1_555 ? ? ? ? ? ? WATSON-CRICK ?     ? ? 
hydrog24 hydrog ?    ? A DC  10 N3    ? ? ? 1_555 B DG  1  N1 ? ? A DC  10 B DG  11 1_555 ? ? ? ? ? ? WATSON-CRICK ?     ? ? 
hydrog25 hydrog ?    ? A DC  10 N4    ? ? ? 1_555 B DG  1  O6 ? ? A DC  10 B DG  11 1_555 ? ? ? ? ? ? WATSON-CRICK ?     ? ? 
hydrog26 hydrog ?    ? A DC  10 O2    ? ? ? 1_555 B DG  1  N2 ? ? A DC  10 B DG  11 1_555 ? ? ? ? ? ? WATSON-CRICK ?     ? ? 
# 
loop_
_struct_conn_type.id 
_struct_conn_type.criteria 
_struct_conn_type.reference 
covale ? ? 
hydrog ? ? 
# 
loop_
_pdbx_validate_rmsd_angle.id 
_pdbx_validate_rmsd_angle.PDB_model_num 
_pdbx_validate_rmsd_angle.auth_atom_id_1 
_pdbx_validate_rmsd_angle.auth_asym_id_1 
_pdbx_validate_rmsd_angle.auth_comp_id_1 
_pdbx_validate_rmsd_angle.auth_seq_id_1 
_pdbx_validate_rmsd_angle.PDB_ins_code_1 
_pdbx_validate_rmsd_angle.label_alt_id_1 
_pdbx_validate_rmsd_angle.auth_atom_id_2 
_pdbx_validate_rmsd_angle.auth_asym_id_2 
_pdbx_validate_rmsd_angle.auth_comp_id_2 
_pdbx_validate_rmsd_angle.auth_seq_id_2 
_pdbx_validate_rmsd_angle.PDB_ins_code_2 
_pdbx_validate_rmsd_angle.label_alt_id_2 
_pdbx_validate_rmsd_angle.auth_atom_id_3 
_pdbx_validate_rmsd_angle.auth_asym_id_3 
_pdbx_validate_rmsd_angle.auth_comp_id_3 
_pdbx_validate_rmsd_angle.auth_seq_id_3 
_pdbx_validate_rmsd_angle.PDB_ins_code_3 
_pdbx_validate_rmsd_angle.label_alt_id_3 
_pdbx_validate_rmsd_angle.angle_value 
_pdbx_validate_rmsd_angle.angle_target_value 
_pdbx_validate_rmsd_angle.angle_deviation 
_pdbx_validate_rmsd_angle.angle_standard_deviation 
_pdbx_validate_rmsd_angle.linker_flag 
1  1 "O4'" A DC 2  ? ? "C4'" A DC  2  ? ? "C3'" A DC  2  ? ? 110.72 106.00 4.72  0.60 N 
2  1 "O4'" A DC 2  ? ? "C1'" A DC  2  ? ? N1    A DC  2  ? ? 113.53 108.30 5.23  0.30 N 
3  1 N1    A DG 3  ? ? C6    A DG  3  ? ? O6    A DG  3  ? ? 116.22 119.90 -3.68 0.60 N 
4  1 "O4'" A DA 4  ? ? "C4'" A DA  4  ? ? "C3'" A DA  4  ? ? 109.67 106.00 3.67  0.60 N 
5  1 "O4'" A DA 5  ? ? "C4'" A DA  5  ? ? "C3'" A DA  5  ? ? 109.92 106.00 3.92  0.60 N 
6  1 "O4'" A DT 6  ? ? "C1'" A DT  6  ? ? N1    A DT  6  ? ? 113.27 108.30 4.97  0.30 N 
7  1 C4    A DT 6  ? ? C5    A DT  6  ? ? C7    A DT  6  ? ? 123.45 119.00 4.45  0.60 N 
8  1 C6    A DT 6  ? ? C5    A DT  6  ? ? C7    A DT  6  ? ? 116.10 122.90 -6.80 0.60 N 
9  1 "O3'" A DT 6  ? ? P     A ATD 7  ? ? "O5'" A ATD 7  ? ? 150.68 104.00 46.68 1.90 Y 
10 1 "O4'" A DC 8  ? ? "C4'" A DC  8  ? ? "C3'" A DC  8  ? ? 111.65 106.00 5.65  0.60 N 
11 1 "C3'" A DC 8  ? ? "C2'" A DC  8  ? ? "C1'" A DC  8  ? ? 113.05 102.50 10.55 1.20 N 
12 1 "O4'" A DC 8  ? ? "C1'" A DC  8  ? ? N1    A DC  8  ? ? 119.05 108.30 10.75 0.30 N 
13 1 "O4'" A DC 10 ? ? "C1'" A DC  10 ? ? N1    A DC  10 ? ? 112.38 108.30 4.08  0.30 N 
14 1 "O4'" B DC 12 ? ? "C4'" B DC  12 ? ? "C3'" B DC  12 ? ? 110.72 106.00 4.72  0.60 N 
15 1 "O4'" B DC 12 ? ? "C1'" B DC  12 ? ? N1    B DC  12 ? ? 112.21 108.30 3.91  0.30 N 
16 1 N1    B DG 13 ? ? C6    B DG  13 ? ? O6    B DG  13 ? ? 116.27 119.90 -3.63 0.60 N 
17 1 "O4'" B DA 15 ? ? "C4'" B DA  15 ? ? "C3'" B DA  15 ? ? 109.68 106.00 3.68  0.60 N 
18 1 "O4'" B DT 16 ? ? "C1'" B DT  16 ? ? N1    B DT  16 ? ? 114.27 108.30 5.97  0.30 N 
19 1 C4    B DT 16 ? ? C5    B DT  16 ? ? C7    B DT  16 ? ? 123.73 119.00 4.73  0.60 N 
20 1 C6    B DT 16 ? ? C5    B DT  16 ? ? C7    B DT  16 ? ? 116.12 122.90 -6.78 0.60 N 
21 1 "O3'" B DT 16 ? ? P     B ATD 17 ? ? "O5'" B ATD 17 ? ? 150.65 104.00 46.65 1.90 Y 
22 1 "O4'" B DC 18 ? ? "C4'" B DC  18 ? ? "C3'" B DC  18 ? ? 111.59 106.00 5.59  0.60 N 
23 1 "C3'" B DC 18 ? ? "C2'" B DC  18 ? ? "C1'" B DC  18 ? ? 111.91 102.50 9.41  1.20 N 
24 1 "O4'" B DC 18 ? ? "C1'" B DC  18 ? ? N1    B DC  18 ? ? 118.20 108.30 9.90  0.30 N 
25 1 "O4'" B DC 20 ? ? "C1'" B DC  20 ? ? N1    B DC  20 ? ? 112.47 108.30 4.17  0.30 N 
# 
_pdbx_validate_planes.id              1 
_pdbx_validate_planes.PDB_model_num   1 
_pdbx_validate_planes.auth_comp_id    DC 
_pdbx_validate_planes.auth_asym_id    A 
_pdbx_validate_planes.auth_seq_id     8 
_pdbx_validate_planes.PDB_ins_code    ? 
_pdbx_validate_planes.label_alt_id    ? 
_pdbx_validate_planes.rmsd            0.067 
_pdbx_validate_planes.type            'SIDE CHAIN' 
# 
loop_
_pdbx_struct_mod_residue.id 
_pdbx_struct_mod_residue.label_asym_id 
_pdbx_struct_mod_residue.label_comp_id 
_pdbx_struct_mod_residue.label_seq_id 
_pdbx_struct_mod_residue.auth_asym_id 
_pdbx_struct_mod_residue.auth_comp_id 
_pdbx_struct_mod_residue.auth_seq_id 
_pdbx_struct_mod_residue.PDB_ins_code 
_pdbx_struct_mod_residue.parent_comp_id 
_pdbx_struct_mod_residue.details 
1 A ATD 7 A ATD 7  ? DT "THYMIDINE-3'-PHOSPHATE" 
2 B ATD 7 B ATD 17 ? DT "THYMIDINE-3'-PHOSPHATE" 
# 
_pdbx_nmr_ensemble.entry_id                                      1BX5 
_pdbx_nmr_ensemble.conformers_calculated_total_number            9 
_pdbx_nmr_ensemble.conformers_submitted_total_number             1 
_pdbx_nmr_ensemble.conformer_selection_criteria                  ? 
_pdbx_nmr_ensemble.average_constraints_per_residue               ? 
_pdbx_nmr_ensemble.average_constraint_violations_per_residue     ? 
_pdbx_nmr_ensemble.maximum_distance_constraint_violation         ? 
_pdbx_nmr_ensemble.average_distance_constraint_violation         ? 
_pdbx_nmr_ensemble.maximum_upper_distance_constraint_violation   ? 
_pdbx_nmr_ensemble.maximum_lower_distance_constraint_violation   ? 
_pdbx_nmr_ensemble.distance_constraint_violation_method          ? 
_pdbx_nmr_ensemble.maximum_torsion_angle_constraint_violation    ? 
_pdbx_nmr_ensemble.average_torsion_angle_constraint_violation    ? 
_pdbx_nmr_ensemble.torsion_angle_constraint_violation_method     ? 
# 
_pdbx_nmr_exptl_sample_conditions.conditions_id       1 
_pdbx_nmr_exptl_sample_conditions.temperature         303 
_pdbx_nmr_exptl_sample_conditions.pressure            1 
_pdbx_nmr_exptl_sample_conditions.pH                  6.5 
_pdbx_nmr_exptl_sample_conditions.ionic_strength      '50 mM NACL, 10 mM NAPHOSPHATE, 0.1 mM EDTA' 
_pdbx_nmr_exptl_sample_conditions.pressure_units      atm 
_pdbx_nmr_exptl_sample_conditions.temperature_units   K 
# 
loop_
_pdbx_nmr_exptl.experiment_id 
_pdbx_nmr_exptl.conditions_id 
_pdbx_nmr_exptl.type 
_pdbx_nmr_exptl.solution_id 
1 1 NOESY    1 
2 1 DQF-COSY 1 
# 
_pdbx_nmr_details.entry_id   1BX5 
_pdbx_nmr_details.text       
;MEAN STRUCTURE. THE STRUCTURE WAS DETERMINED USING DISTANCE AND TORSION ANGLE 
RESTRAINTS OBTAINED FROM HOMONUCLEAR NOESY (75, 150, 300 MS MIXING TIMES) AND 
DQF-COSY EXPERIMENTS.
;
# 
_pdbx_nmr_refine.entry_id           1BX5 
_pdbx_nmr_refine.method             'simulated annealing' 
_pdbx_nmr_refine.details            'REFINEMENT DETAILS CAN BE FOUND IN THE JRNL CITATION ABOVE' 
_pdbx_nmr_refine.software_ordinal   1 
# 
loop_
_pdbx_nmr_software.classification 
_pdbx_nmr_software.name 
_pdbx_nmr_software.version 
_pdbx_nmr_software.authors 
_pdbx_nmr_software.ordinal 
refinement           Amber     4.1 'PEARLMAN ET AL., 1995' 1 
'structure solution' RAMDMARDI ?   ?                       2 
'structure solution' Amber     4.1 ?                       3 
# 
loop_
_chem_comp_atom.comp_id 
_chem_comp_atom.atom_id 
_chem_comp_atom.type_symbol 
_chem_comp_atom.pdbx_aromatic_flag 
_chem_comp_atom.pdbx_stereo_config 
_chem_comp_atom.pdbx_ordinal 
ATD P      P N N 1   
ATD OP1    O N N 2   
ATD OP2    O N N 3   
ATD OP3    O N N 4   
ATD "O5'"  O N N 5   
ATD "C5'"  C N N 6   
ATD "C4'"  C N R 7   
ATD "O4'"  O N N 8   
ATD "C3'"  C N S 9   
ATD "O3'"  O N N 10  
ATD "C2'"  C N N 11  
ATD "C1'"  C N S 12  
ATD N1     N N N 13  
ATD C2     C N N 14  
ATD O2     O N N 15  
ATD N3     N N N 16  
ATD C4     C N N 17  
ATD O4     O N N 18  
ATD C5     C N N 19  
ATD C5M    C N N 20  
ATD C6     C N N 21  
ATD HOP2   H N N 22  
ATD HOP3   H N N 23  
ATD "HO'5" H N N 24  
ATD "H5'"  H N N 25  
ATD "H5''" H N N 26  
ATD "H4'"  H N N 27  
ATD "H3'"  H N N 28  
ATD "H2'"  H N N 29  
ATD "H2''" H N N 30  
ATD "H1'"  H N N 31  
ATD H3     H N N 32  
ATD H71    H N N 33  
ATD H72    H N N 34  
ATD H73    H N N 35  
ATD H6     H N N 36  
DA  OP3    O N N 37  
DA  P      P N N 38  
DA  OP1    O N N 39  
DA  OP2    O N N 40  
DA  "O5'"  O N N 41  
DA  "C5'"  C N N 42  
DA  "C4'"  C N R 43  
DA  "O4'"  O N N 44  
DA  "C3'"  C N S 45  
DA  "O3'"  O N N 46  
DA  "C2'"  C N N 47  
DA  "C1'"  C N R 48  
DA  N9     N Y N 49  
DA  C8     C Y N 50  
DA  N7     N Y N 51  
DA  C5     C Y N 52  
DA  C6     C Y N 53  
DA  N6     N N N 54  
DA  N1     N Y N 55  
DA  C2     C Y N 56  
DA  N3     N Y N 57  
DA  C4     C Y N 58  
DA  HOP3   H N N 59  
DA  HOP2   H N N 60  
DA  "H5'"  H N N 61  
DA  "H5''" H N N 62  
DA  "H4'"  H N N 63  
DA  "H3'"  H N N 64  
DA  "HO3'" H N N 65  
DA  "H2'"  H N N 66  
DA  "H2''" H N N 67  
DA  "H1'"  H N N 68  
DA  H8     H N N 69  
DA  H61    H N N 70  
DA  H62    H N N 71  
DA  H2     H N N 72  
DC  OP3    O N N 73  
DC  P      P N N 74  
DC  OP1    O N N 75  
DC  OP2    O N N 76  
DC  "O5'"  O N N 77  
DC  "C5'"  C N N 78  
DC  "C4'"  C N R 79  
DC  "O4'"  O N N 80  
DC  "C3'"  C N S 81  
DC  "O3'"  O N N 82  
DC  "C2'"  C N N 83  
DC  "C1'"  C N R 84  
DC  N1     N N N 85  
DC  C2     C N N 86  
DC  O2     O N N 87  
DC  N3     N N N 88  
DC  C4     C N N 89  
DC  N4     N N N 90  
DC  C5     C N N 91  
DC  C6     C N N 92  
DC  HOP3   H N N 93  
DC  HOP2   H N N 94  
DC  "H5'"  H N N 95  
DC  "H5''" H N N 96  
DC  "H4'"  H N N 97  
DC  "H3'"  H N N 98  
DC  "HO3'" H N N 99  
DC  "H2'"  H N N 100 
DC  "H2''" H N N 101 
DC  "H1'"  H N N 102 
DC  H41    H N N 103 
DC  H42    H N N 104 
DC  H5     H N N 105 
DC  H6     H N N 106 
DG  OP3    O N N 107 
DG  P      P N N 108 
DG  OP1    O N N 109 
DG  OP2    O N N 110 
DG  "O5'"  O N N 111 
DG  "C5'"  C N N 112 
DG  "C4'"  C N R 113 
DG  "O4'"  O N N 114 
DG  "C3'"  C N S 115 
DG  "O3'"  O N N 116 
DG  "C2'"  C N N 117 
DG  "C1'"  C N R 118 
DG  N9     N Y N 119 
DG  C8     C Y N 120 
DG  N7     N Y N 121 
DG  C5     C Y N 122 
DG  C6     C N N 123 
DG  O6     O N N 124 
DG  N1     N N N 125 
DG  C2     C N N 126 
DG  N2     N N N 127 
DG  N3     N N N 128 
DG  C4     C Y N 129 
DG  HOP3   H N N 130 
DG  HOP2   H N N 131 
DG  "H5'"  H N N 132 
DG  "H5''" H N N 133 
DG  "H4'"  H N N 134 
DG  "H3'"  H N N 135 
DG  "HO3'" H N N 136 
DG  "H2'"  H N N 137 
DG  "H2''" H N N 138 
DG  "H1'"  H N N 139 
DG  H8     H N N 140 
DG  H1     H N N 141 
DG  H21    H N N 142 
DG  H22    H N N 143 
DT  OP3    O N N 144 
DT  P      P N N 145 
DT  OP1    O N N 146 
DT  OP2    O N N 147 
DT  "O5'"  O N N 148 
DT  "C5'"  C N N 149 
DT  "C4'"  C N R 150 
DT  "O4'"  O N N 151 
DT  "C3'"  C N S 152 
DT  "O3'"  O N N 153 
DT  "C2'"  C N N 154 
DT  "C1'"  C N R 155 
DT  N1     N N N 156 
DT  C2     C N N 157 
DT  O2     O N N 158 
DT  N3     N N N 159 
DT  C4     C N N 160 
DT  O4     O N N 161 
DT  C5     C N N 162 
DT  C7     C N N 163 
DT  C6     C N N 164 
DT  HOP3   H N N 165 
DT  HOP2   H N N 166 
DT  "H5'"  H N N 167 
DT  "H5''" H N N 168 
DT  "H4'"  H N N 169 
DT  "H3'"  H N N 170 
DT  "HO3'" H N N 171 
DT  "H2'"  H N N 172 
DT  "H2''" H N N 173 
DT  "H1'"  H N N 174 
DT  H3     H N N 175 
DT  H71    H N N 176 
DT  H72    H N N 177 
DT  H73    H N N 178 
DT  H6     H N N 179 
# 
loop_
_chem_comp_bond.comp_id 
_chem_comp_bond.atom_id_1 
_chem_comp_bond.atom_id_2 
_chem_comp_bond.value_order 
_chem_comp_bond.pdbx_aromatic_flag 
_chem_comp_bond.pdbx_stereo_config 
_chem_comp_bond.pdbx_ordinal 
ATD P     OP1    doub N N 1   
ATD P     OP2    sing N N 2   
ATD P     OP3    sing N N 3   
ATD P     "O3'"  sing N N 4   
ATD OP2   HOP2   sing N N 5   
ATD OP3   HOP3   sing N N 6   
ATD "O5'" "C5'"  sing N N 7   
ATD "O5'" "HO'5" sing N N 8   
ATD "C5'" "C4'"  sing N N 9   
ATD "C5'" "H5'"  sing N N 10  
ATD "C5'" "H5''" sing N N 11  
ATD "C4'" "O4'"  sing N N 12  
ATD "C4'" "C3'"  sing N N 13  
ATD "C4'" "H4'"  sing N N 14  
ATD "O4'" "C1'"  sing N N 15  
ATD "C3'" "O3'"  sing N N 16  
ATD "C3'" "C2'"  sing N N 17  
ATD "C3'" "H3'"  sing N N 18  
ATD "C2'" "C1'"  sing N N 19  
ATD "C2'" "H2'"  sing N N 20  
ATD "C2'" "H2''" sing N N 21  
ATD "C1'" N1     sing N N 22  
ATD "C1'" "H1'"  sing N N 23  
ATD N1    C2     sing N N 24  
ATD N1    C6     sing N N 25  
ATD C2    O2     doub N N 26  
ATD C2    N3     sing N N 27  
ATD N3    C4     sing N N 28  
ATD N3    H3     sing N N 29  
ATD C4    O4     doub N N 30  
ATD C4    C5     sing N N 31  
ATD C5    C5M    sing N N 32  
ATD C5    C6     doub N N 33  
ATD C5M   H71    sing N N 34  
ATD C5M   H72    sing N N 35  
ATD C5M   H73    sing N N 36  
ATD C6    H6     sing N N 37  
DA  OP3   P      sing N N 38  
DA  OP3   HOP3   sing N N 39  
DA  P     OP1    doub N N 40  
DA  P     OP2    sing N N 41  
DA  P     "O5'"  sing N N 42  
DA  OP2   HOP2   sing N N 43  
DA  "O5'" "C5'"  sing N N 44  
DA  "C5'" "C4'"  sing N N 45  
DA  "C5'" "H5'"  sing N N 46  
DA  "C5'" "H5''" sing N N 47  
DA  "C4'" "O4'"  sing N N 48  
DA  "C4'" "C3'"  sing N N 49  
DA  "C4'" "H4'"  sing N N 50  
DA  "O4'" "C1'"  sing N N 51  
DA  "C3'" "O3'"  sing N N 52  
DA  "C3'" "C2'"  sing N N 53  
DA  "C3'" "H3'"  sing N N 54  
DA  "O3'" "HO3'" sing N N 55  
DA  "C2'" "C1'"  sing N N 56  
DA  "C2'" "H2'"  sing N N 57  
DA  "C2'" "H2''" sing N N 58  
DA  "C1'" N9     sing N N 59  
DA  "C1'" "H1'"  sing N N 60  
DA  N9    C8     sing Y N 61  
DA  N9    C4     sing Y N 62  
DA  C8    N7     doub Y N 63  
DA  C8    H8     sing N N 64  
DA  N7    C5     sing Y N 65  
DA  C5    C6     sing Y N 66  
DA  C5    C4     doub Y N 67  
DA  C6    N6     sing N N 68  
DA  C6    N1     doub Y N 69  
DA  N6    H61    sing N N 70  
DA  N6    H62    sing N N 71  
DA  N1    C2     sing Y N 72  
DA  C2    N3     doub Y N 73  
DA  C2    H2     sing N N 74  
DA  N3    C4     sing Y N 75  
DC  OP3   P      sing N N 76  
DC  OP3   HOP3   sing N N 77  
DC  P     OP1    doub N N 78  
DC  P     OP2    sing N N 79  
DC  P     "O5'"  sing N N 80  
DC  OP2   HOP2   sing N N 81  
DC  "O5'" "C5'"  sing N N 82  
DC  "C5'" "C4'"  sing N N 83  
DC  "C5'" "H5'"  sing N N 84  
DC  "C5'" "H5''" sing N N 85  
DC  "C4'" "O4'"  sing N N 86  
DC  "C4'" "C3'"  sing N N 87  
DC  "C4'" "H4'"  sing N N 88  
DC  "O4'" "C1'"  sing N N 89  
DC  "C3'" "O3'"  sing N N 90  
DC  "C3'" "C2'"  sing N N 91  
DC  "C3'" "H3'"  sing N N 92  
DC  "O3'" "HO3'" sing N N 93  
DC  "C2'" "C1'"  sing N N 94  
DC  "C2'" "H2'"  sing N N 95  
DC  "C2'" "H2''" sing N N 96  
DC  "C1'" N1     sing N N 97  
DC  "C1'" "H1'"  sing N N 98  
DC  N1    C2     sing N N 99  
DC  N1    C6     sing N N 100 
DC  C2    O2     doub N N 101 
DC  C2    N3     sing N N 102 
DC  N3    C4     doub N N 103 
DC  C4    N4     sing N N 104 
DC  C4    C5     sing N N 105 
DC  N4    H41    sing N N 106 
DC  N4    H42    sing N N 107 
DC  C5    C6     doub N N 108 
DC  C5    H5     sing N N 109 
DC  C6    H6     sing N N 110 
DG  OP3   P      sing N N 111 
DG  OP3   HOP3   sing N N 112 
DG  P     OP1    doub N N 113 
DG  P     OP2    sing N N 114 
DG  P     "O5'"  sing N N 115 
DG  OP2   HOP2   sing N N 116 
DG  "O5'" "C5'"  sing N N 117 
DG  "C5'" "C4'"  sing N N 118 
DG  "C5'" "H5'"  sing N N 119 
DG  "C5'" "H5''" sing N N 120 
DG  "C4'" "O4'"  sing N N 121 
DG  "C4'" "C3'"  sing N N 122 
DG  "C4'" "H4'"  sing N N 123 
DG  "O4'" "C1'"  sing N N 124 
DG  "C3'" "O3'"  sing N N 125 
DG  "C3'" "C2'"  sing N N 126 
DG  "C3'" "H3'"  sing N N 127 
DG  "O3'" "HO3'" sing N N 128 
DG  "C2'" "C1'"  sing N N 129 
DG  "C2'" "H2'"  sing N N 130 
DG  "C2'" "H2''" sing N N 131 
DG  "C1'" N9     sing N N 132 
DG  "C1'" "H1'"  sing N N 133 
DG  N9    C8     sing Y N 134 
DG  N9    C4     sing Y N 135 
DG  C8    N7     doub Y N 136 
DG  C8    H8     sing N N 137 
DG  N7    C5     sing Y N 138 
DG  C5    C6     sing N N 139 
DG  C5    C4     doub Y N 140 
DG  C6    O6     doub N N 141 
DG  C6    N1     sing N N 142 
DG  N1    C2     sing N N 143 
DG  N1    H1     sing N N 144 
DG  C2    N2     sing N N 145 
DG  C2    N3     doub N N 146 
DG  N2    H21    sing N N 147 
DG  N2    H22    sing N N 148 
DG  N3    C4     sing N N 149 
DT  OP3   P      sing N N 150 
DT  OP3   HOP3   sing N N 151 
DT  P     OP1    doub N N 152 
DT  P     OP2    sing N N 153 
DT  P     "O5'"  sing N N 154 
DT  OP2   HOP2   sing N N 155 
DT  "O5'" "C5'"  sing N N 156 
DT  "C5'" "C4'"  sing N N 157 
DT  "C5'" "H5'"  sing N N 158 
DT  "C5'" "H5''" sing N N 159 
DT  "C4'" "O4'"  sing N N 160 
DT  "C4'" "C3'"  sing N N 161 
DT  "C4'" "H4'"  sing N N 162 
DT  "O4'" "C1'"  sing N N 163 
DT  "C3'" "O3'"  sing N N 164 
DT  "C3'" "C2'"  sing N N 165 
DT  "C3'" "H3'"  sing N N 166 
DT  "O3'" "HO3'" sing N N 167 
DT  "C2'" "C1'"  sing N N 168 
DT  "C2'" "H2'"  sing N N 169 
DT  "C2'" "H2''" sing N N 170 
DT  "C1'" N1     sing N N 171 
DT  "C1'" "H1'"  sing N N 172 
DT  N1    C2     sing N N 173 
DT  N1    C6     sing N N 174 
DT  C2    O2     doub N N 175 
DT  C2    N3     sing N N 176 
DT  N3    C4     sing N N 177 
DT  N3    H3     sing N N 178 
DT  C4    O4     doub N N 179 
DT  C4    C5     sing N N 180 
DT  C5    C7     sing N N 181 
DT  C5    C6     doub N N 182 
DT  C7    H71    sing N N 183 
DT  C7    H72    sing N N 184 
DT  C7    H73    sing N N 185 
DT  C6    H6     sing N N 186 
# 
loop_
_ndb_struct_conf_na.entry_id 
_ndb_struct_conf_na.feature 
1BX5 'double helix'        
1BX5 'b-form double helix' 
# 
loop_
_ndb_struct_na_base_pair.model_number 
_ndb_struct_na_base_pair.i_label_asym_id 
_ndb_struct_na_base_pair.i_label_comp_id 
_ndb_struct_na_base_pair.i_label_seq_id 
_ndb_struct_na_base_pair.i_symmetry 
_ndb_struct_na_base_pair.j_label_asym_id 
_ndb_struct_na_base_pair.j_label_comp_id 
_ndb_struct_na_base_pair.j_label_seq_id 
_ndb_struct_na_base_pair.j_symmetry 
_ndb_struct_na_base_pair.shear 
_ndb_struct_na_base_pair.stretch 
_ndb_struct_na_base_pair.stagger 
_ndb_struct_na_base_pair.buckle 
_ndb_struct_na_base_pair.propeller 
_ndb_struct_na_base_pair.opening 
_ndb_struct_na_base_pair.pair_number 
_ndb_struct_na_base_pair.pair_name 
_ndb_struct_na_base_pair.i_auth_asym_id 
_ndb_struct_na_base_pair.i_auth_seq_id 
_ndb_struct_na_base_pair.i_PDB_ins_code 
_ndb_struct_na_base_pair.j_auth_asym_id 
_ndb_struct_na_base_pair.j_auth_seq_id 
_ndb_struct_na_base_pair.j_PDB_ins_code 
_ndb_struct_na_base_pair.hbond_type_28 
_ndb_struct_na_base_pair.hbond_type_12 
1 A DG  1  1_555 B DC  10 1_555 -0.439 -0.104 0.204  24.446  7.540   0.487  1  A_DG1:DC20_B  A 1  ? B 20 ? 19 1 
1 A DC  2  1_555 B DG  9  1_555 0.144  -0.267 -0.655 8.425   -13.345 0.727  2  A_DC2:DG19_B  A 2  ? B 19 ? 19 1 
1 A DG  3  1_555 B DC  8  1_555 0.068  -0.108 -0.052 10.251  0.902   0.171  3  A_DG3:DC18_B  A 3  ? B 18 ? 19 1 
1 A DA  4  1_555 B ATD 7  1_555 0.024  -0.107 -0.097 3.441   -7.115  -2.115 4  A_DA4:ATD17_B A 4  ? B 17 ? 20 1 
1 A DA  5  1_555 B DT  6  1_555 -0.056 -0.160 0.120  7.079   -18.641 -2.353 5  A_DA5:DT16_B  A 5  ? B 16 ? 20 1 
1 A DT  6  1_555 B DA  5  1_555 -0.021 -0.148 0.073  -5.272  -19.563 -3.980 6  A_DT6:DA15_B  A 6  ? B 15 ? 20 1 
1 A ATD 7  1_555 B DA  4  1_555 -0.013 -0.110 -0.244 -0.031  -6.696  -1.685 7  A_ATD7:DA14_B A 7  ? B 14 ? 20 1 
1 A DC  8  1_555 B DG  3  1_555 -0.142 -0.113 -0.101 -4.941  -3.164  0.413  8  A_DC8:DG13_B  A 8  ? B 13 ? 19 1 
1 A DG  9  1_555 B DC  2  1_555 -0.167 -0.242 -0.269 3.622   -4.972  -1.028 9  A_DG9:DC12_B  A 9  ? B 12 ? 19 1 
1 A DC  10 1_555 B DG  1  1_555 0.436  -0.168 0.037  -14.946 4.533   -0.347 10 A_DC10:DG11_B A 10 ? B 11 ? 19 1 
# 
loop_
_ndb_struct_na_base_pair_step.model_number 
_ndb_struct_na_base_pair_step.i_label_asym_id_1 
_ndb_struct_na_base_pair_step.i_label_comp_id_1 
_ndb_struct_na_base_pair_step.i_label_seq_id_1 
_ndb_struct_na_base_pair_step.i_symmetry_1 
_ndb_struct_na_base_pair_step.j_label_asym_id_1 
_ndb_struct_na_base_pair_step.j_label_comp_id_1 
_ndb_struct_na_base_pair_step.j_label_seq_id_1 
_ndb_struct_na_base_pair_step.j_symmetry_1 
_ndb_struct_na_base_pair_step.i_label_asym_id_2 
_ndb_struct_na_base_pair_step.i_label_comp_id_2 
_ndb_struct_na_base_pair_step.i_label_seq_id_2 
_ndb_struct_na_base_pair_step.i_symmetry_2 
_ndb_struct_na_base_pair_step.j_label_asym_id_2 
_ndb_struct_na_base_pair_step.j_label_comp_id_2 
_ndb_struct_na_base_pair_step.j_label_seq_id_2 
_ndb_struct_na_base_pair_step.j_symmetry_2 
_ndb_struct_na_base_pair_step.shift 
_ndb_struct_na_base_pair_step.slide 
_ndb_struct_na_base_pair_step.rise 
_ndb_struct_na_base_pair_step.tilt 
_ndb_struct_na_base_pair_step.roll 
_ndb_struct_na_base_pair_step.twist 
_ndb_struct_na_base_pair_step.x_displacement 
_ndb_struct_na_base_pair_step.y_displacement 
_ndb_struct_na_base_pair_step.helical_rise 
_ndb_struct_na_base_pair_step.inclination 
_ndb_struct_na_base_pair_step.tip 
_ndb_struct_na_base_pair_step.helical_twist 
_ndb_struct_na_base_pair_step.step_number 
_ndb_struct_na_base_pair_step.step_name 
_ndb_struct_na_base_pair_step.i_auth_asym_id_1 
_ndb_struct_na_base_pair_step.i_auth_seq_id_1 
_ndb_struct_na_base_pair_step.i_PDB_ins_code_1 
_ndb_struct_na_base_pair_step.j_auth_asym_id_1 
_ndb_struct_na_base_pair_step.j_auth_seq_id_1 
_ndb_struct_na_base_pair_step.j_PDB_ins_code_1 
_ndb_struct_na_base_pair_step.i_auth_asym_id_2 
_ndb_struct_na_base_pair_step.i_auth_seq_id_2 
_ndb_struct_na_base_pair_step.i_PDB_ins_code_2 
_ndb_struct_na_base_pair_step.j_auth_asym_id_2 
_ndb_struct_na_base_pair_step.j_auth_seq_id_2 
_ndb_struct_na_base_pair_step.j_PDB_ins_code_2 
1 A DG  1 1_555 B DC  10 1_555 A DC  2  1_555 B DG  9 1_555 -0.019 -1.121 3.599 5.011  5.795  36.080 -2.617 0.759  3.353 9.229   
-7.980 36.858 1 AA_DG1DC2:DG19DC20_BB  A 1 ? B 20 ? A 2  ? B 19 ? 
1 A DC  2 1_555 B DG  9  1_555 A DG  3  1_555 B DC  8 1_555 -0.424 -0.473 3.422 -0.660 22.322 27.875 -4.058 0.597  2.415 39.317  
1.162  35.579 2 AA_DC2DG3:DC18DG19_BB  A 2 ? B 19 ? A 3  ? B 18 ? 
1 A DG  3 1_555 B DC  8  1_555 A DA  4  1_555 B ATD 7 1_555 -0.907 0.433  3.435 1.155  -6.656 37.270 1.553  1.552  3.284 -10.312 
-1.790 37.856 3 AA_DG3DA4:ATD17DC18_BB A 3 ? B 18 ? A 4  ? B 17 ? 
1 A DA  4 1_555 B ATD 7  1_555 A DA  5  1_555 B DT  6 1_555 -0.528 -0.076 3.188 -5.408 -2.345 39.033 0.160  0.153  3.229 -3.486  
8.038  39.458 4 AA_DA4DA5:DT16ATD17_BB A 4 ? B 17 ? A 5  ? B 16 ? 
1 A DA  5 1_555 B DT  6  1_555 A DT  6  1_555 B DA  5 1_555 -0.164 -0.726 3.533 -0.116 -3.632 31.614 -0.598 0.276  3.592 -6.640  
0.211  31.817 5 AA_DA5DT6:DA15DT16_BB  A 5 ? B 16 ? A 6  ? B 15 ? 
1 A DT  6 1_555 B DA  5  1_555 A ATD 7  1_555 B DA  4 1_555 0.683  -0.086 3.141 6.080  -2.899 39.327 0.201  -0.316 3.205 -4.270  
-8.955 39.877 6 AA_DT6ATD7:DA14DA15_BB A 6 ? B 15 ? A 7  ? B 14 ? 
1 A ATD 7 1_555 B DA  4  1_555 A DC  8  1_555 B DG  3 1_555 0.886  0.378  3.364 -2.287 -6.269 37.542 1.382  -1.650 3.205 -9.647  
3.519  38.110 7 AA_ATD7DC8:DG13DA14_BB A 7 ? B 14 ? A 8  ? B 13 ? 
1 A DC  8 1_555 B DG  3  1_555 A DG  9  1_555 B DC  2 1_555 -0.224 -0.610 3.160 -4.329 21.324 26.891 -4.071 -0.240 2.138 38.786  
7.873  34.465 8 AA_DC8DG9:DC12DG13_BB  A 8 ? B 13 ? A 9  ? B 12 ? 
1 A DG  9 1_555 B DC  2  1_555 A DC  10 1_555 B DG  1 1_555 0.222  -1.348 3.678 -1.138 5.796  36.883 -2.942 -0.511 3.427 9.089   
1.784  37.336 9 AA_DG9DC10:DG11DC12_BB A 9 ? B 12 ? A 10 ? B 11 ? 
# 
_pdbx_nmr_spectrometer.spectrometer_id   1 
_pdbx_nmr_spectrometer.model             AMX600 
_pdbx_nmr_spectrometer.manufacturer      Bruker 
_pdbx_nmr_spectrometer.field_strength    600 
_pdbx_nmr_spectrometer.type              ? 
# 
_atom_sites.entry_id                    1BX5 
_atom_sites.fract_transf_matrix[1][1]   1.000000 
_atom_sites.fract_transf_matrix[1][2]   0.000000 
_atom_sites.fract_transf_matrix[1][3]   0.000000 
_atom_sites.fract_transf_matrix[2][1]   0.000000 
_atom_sites.fract_transf_matrix[2][2]   1.000000 
_atom_sites.fract_transf_matrix[2][3]   0.000000 
_atom_sites.fract_transf_matrix[3][1]   0.000000 
_atom_sites.fract_transf_matrix[3][2]   0.000000 
_atom_sites.fract_transf_matrix[3][3]   1.000000 
_atom_sites.fract_transf_vector[1]      0.00000 
_atom_sites.fract_transf_vector[2]      0.00000 
_atom_sites.fract_transf_vector[3]      0.00000 
# 
loop_
_atom_type.symbol 
C 
H 
N 
O 
P 
# 
loop_
_atom_site.group_PDB 
_atom_site.id 
_atom_site.type_symbol 
_atom_site.label_atom_id 
_atom_site.label_alt_id 
_atom_site.label_comp_id 
_atom_site.label_asym_id 
_atom_site.label_entity_id 
_atom_site.label_seq_id 
_atom_site.pdbx_PDB_ins_code 
_atom_site.Cartn_x 
_atom_site.Cartn_y 
_atom_site.Cartn_z 
_atom_site.occupancy 
_atom_site.B_iso_or_equiv 
_atom_site.pdbx_formal_charge 
_atom_site.auth_seq_id 
_atom_site.auth_comp_id 
_atom_site.auth_asym_id 
_atom_site.auth_atom_id 
_atom_site.pdbx_PDB_model_num 
ATOM   1   O "O5'"  . DG  A 1 1  ? 7.880   15.219  6.998   1.00 0.00 ? 1  DG  A "O5'"  1 
ATOM   2   C "C5'"  . DG  A 1 1  ? 7.030   16.331  7.206   1.00 0.00 ? 1  DG  A "C5'"  1 
ATOM   3   C "C4'"  . DG  A 1 1  ? 5.732   16.184  6.401   1.00 0.00 ? 1  DG  A "C4'"  1 
ATOM   4   O "O4'"  . DG  A 1 1  ? 6.046   16.021  5.025   1.00 0.00 ? 1  DG  A "O4'"  1 
ATOM   5   C "C3'"  . DG  A 1 1  ? 4.875   14.992  6.844   1.00 0.00 ? 1  DG  A "C3'"  1 
ATOM   6   O "O3'"  . DG  A 1 1  ? 3.579   15.498  7.129   1.00 0.00 ? 1  DG  A "O3'"  1 
ATOM   7   C "C2'"  . DG  A 1 1  ? 4.934   14.034  5.649   1.00 0.00 ? 1  DG  A "C2'"  1 
ATOM   8   C "C1'"  . DG  A 1 1  ? 5.277   14.964  4.479   1.00 0.00 ? 1  DG  A "C1'"  1 
ATOM   9   N N9     . DG  A 1 1  ? 6.041   14.374  3.359   1.00 0.00 ? 1  DG  A N9     1 
ATOM   10  C C8     . DG  A 1 1  ? 7.134   13.555  3.407   1.00 0.00 ? 1  DG  A C8     1 
ATOM   11  N N7     . DG  A 1 1  ? 7.588   13.193  2.238   1.00 0.00 ? 1  DG  A N7     1 
ATOM   12  C C5     . DG  A 1 1  ? 6.734   13.836  1.332   1.00 0.00 ? 1  DG  A C5     1 
ATOM   13  C C6     . DG  A 1 1  ? 6.667   13.823  -0.109  1.00 0.00 ? 1  DG  A C6     1 
ATOM   14  O O6     . DG  A 1 1  ? 7.365   13.232  -0.933  1.00 0.00 ? 1  DG  A O6     1 
ATOM   15  N N1     . DG  A 1 1  ? 5.632   14.589  -0.613  1.00 0.00 ? 1  DG  A N1     1 
ATOM   16  C C2     . DG  A 1 1  ? 4.764   15.298  0.157   1.00 0.00 ? 1  DG  A C2     1 
ATOM   17  N N2     . DG  A 1 1  ? 3.790   15.928  -0.454  1.00 0.00 ? 1  DG  A N2     1 
ATOM   18  N N3     . DG  A 1 1  ? 4.791   15.336  1.489   1.00 0.00 ? 1  DG  A N3     1 
ATOM   19  C C4     . DG  A 1 1  ? 5.798   14.580  2.020   1.00 0.00 ? 1  DG  A C4     1 
ATOM   20  H "H5'"  . DG  A 1 1  ? 7.542   17.242  6.894   1.00 0.00 ? 1  DG  A "H5'"  1 
ATOM   21  H "H5''" . DG  A 1 1  ? 6.790   16.413  8.267   1.00 0.00 ? 1  DG  A "H5''" 1 
ATOM   22  H "H4'"  . DG  A 1 1  ? 5.153   17.101  6.520   1.00 0.00 ? 1  DG  A "H4'"  1 
ATOM   23  H "H3'"  . DG  A 1 1  ? 5.290   14.516  7.735   1.00 0.00 ? 1  DG  A "H3'"  1 
ATOM   24  H "H2'"  . DG  A 1 1  ? 5.736   13.313  5.811   1.00 0.00 ? 1  DG  A "H2'"  1 
ATOM   25  H "H2''" . DG  A 1 1  ? 3.976   13.524  5.512   1.00 0.00 ? 1  DG  A "H2''" 1 
ATOM   26  H "H1'"  . DG  A 1 1  ? 4.349   15.326  4.056   1.00 0.00 ? 1  DG  A "H1'"  1 
ATOM   27  H H8     . DG  A 1 1  ? 7.565   13.264  4.351   1.00 0.00 ? 1  DG  A H8     1 
ATOM   28  H H1     . DG  A 1 1  ? 5.473   14.513  -1.612  1.00 0.00 ? 1  DG  A H1     1 
ATOM   29  H H21    . DG  A 1 1  ? 3.655   15.831  -1.467  1.00 0.00 ? 1  DG  A H21    1 
ATOM   30  H H22    . DG  A 1 1  ? 3.127   16.394  0.135   1.00 0.00 ? 1  DG  A H22    1 
ATOM   31  H "HO5'" . DG  A 1 1  ? 8.109   15.203  6.063   1.00 0.00 ? 1  DG  A "HO5'" 1 
ATOM   32  P P      . DC  A 1 2  ? 2.328   14.571  7.570   1.00 0.00 ? 2  DC  A P      1 
ATOM   33  O OP1    . DC  A 1 2  ? 1.474   15.351  8.491   1.00 0.00 ? 2  DC  A OP1    1 
ATOM   34  O OP2    . DC  A 1 2  ? 2.829   13.236  7.968   1.00 0.00 ? 2  DC  A OP2    1 
ATOM   35  O "O5'"  . DC  A 1 2  ? 1.567   14.435  6.156   1.00 0.00 ? 2  DC  A "O5'"  1 
ATOM   36  C "C5'"  . DC  A 1 2  ? 0.958   15.566  5.561   1.00 0.00 ? 2  DC  A "C5'"  1 
ATOM   37  C "C4'"  . DC  A 1 2  ? 0.490   15.254  4.141   1.00 0.00 ? 2  DC  A "C4'"  1 
ATOM   38  O "O4'"  . DC  A 1 2  ? 1.591   15.017  3.269   1.00 0.00 ? 2  DC  A "O4'"  1 
ATOM   39  C "C3'"  . DC  A 1 2  ? -0.529  14.119  4.046   1.00 0.00 ? 2  DC  A "C3'"  1 
ATOM   40  O "O3'"  . DC  A 1 2  ? -1.738  14.591  3.481   1.00 0.00 ? 2  DC  A "O3'"  1 
ATOM   41  C "C2'"  . DC  A 1 2  ? 0.240   13.189  3.150   1.00 0.00 ? 2  DC  A "C2'"  1 
ATOM   42  C "C1'"  . DC  A 1 2  ? 1.191   14.034  2.337   1.00 0.00 ? 2  DC  A "C1'"  1 
ATOM   43  N N1     . DC  A 1 2  ? 2.310   13.190  1.851   1.00 0.00 ? 2  DC  A N1     1 
ATOM   44  C C2     . DC  A 1 2  ? 2.485   12.898  0.499   1.00 0.00 ? 2  DC  A C2     1 
ATOM   45  O O2     . DC  A 1 2  ? 1.699   13.313  -0.350  1.00 0.00 ? 2  DC  A O2     1 
ATOM   46  N N3     . DC  A 1 2  ? 3.527   12.112  0.115   1.00 0.00 ? 2  DC  A N3     1 
ATOM   47  C C4     . DC  A 1 2  ? 4.336   11.594  1.031   1.00 0.00 ? 2  DC  A C4     1 
ATOM   48  N N4     . DC  A 1 2  ? 5.349   10.874  0.622   1.00 0.00 ? 2  DC  A N4     1 
ATOM   49  C C5     . DC  A 1 2  ? 4.140   11.809  2.422   1.00 0.00 ? 2  DC  A C5     1 
ATOM   50  C C6     . DC  A 1 2  ? 3.101   12.581  2.768   1.00 0.00 ? 2  DC  A C6     1 
ATOM   51  H "H5'"  . DC  A 1 2  ? 1.672   16.389  5.517   1.00 0.00 ? 2  DC  A "H5'"  1 
ATOM   52  H "H5''" . DC  A 1 2  ? 0.101   15.873  6.163   1.00 0.00 ? 2  DC  A "H5''" 1 
ATOM   53  H "H4'"  . DC  A 1 2  ? -0.017  16.112  3.742   1.00 0.00 ? 2  DC  A "H4'"  1 
ATOM   54  H "H3'"  . DC  A 1 2  ? -0.720  13.610  4.990   1.00 0.00 ? 2  DC  A "H3'"  1 
ATOM   55  H "H2'"  . DC  A 1 2  ? 0.841   12.589  3.837   1.00 0.00 ? 2  DC  A "H2'"  1 
ATOM   56  H "H2''" . DC  A 1 2  ? -0.398  12.653  2.470   1.00 0.00 ? 2  DC  A "H2''" 1 
ATOM   57  H "H1'"  . DC  A 1 2  ? 0.646   14.488  1.516   1.00 0.00 ? 2  DC  A "H1'"  1 
ATOM   58  H H41    . DC  A 1 2  ? 5.408   10.653  -0.374  1.00 0.00 ? 2  DC  A H41    1 
ATOM   59  H H42    . DC  A 1 2  ? 5.991   10.489  1.286   1.00 0.00 ? 2  DC  A H42    1 
ATOM   60  H H5     . DC  A 1 2  ? 4.719   11.406  3.224   1.00 0.00 ? 2  DC  A H5     1 
ATOM   61  H H6     . DC  A 1 2  ? 2.842   12.708  3.785   1.00 0.00 ? 2  DC  A H6     1 
ATOM   62  P P      . DG  A 1 3  ? -3.176  14.007  3.943   1.00 0.00 ? 3  DG  A P      1 
ATOM   63  O OP1    . DG  A 1 3  ? -4.216  14.970  3.517   1.00 0.00 ? 3  DG  A OP1    1 
ATOM   64  O OP2    . DG  A 1 3  ? -3.097  13.599  5.362   1.00 0.00 ? 3  DG  A OP2    1 
ATOM   65  O "O5'"  . DG  A 1 3  ? -3.312  12.678  3.043   1.00 0.00 ? 3  DG  A "O5'"  1 
ATOM   66  C "C5'"  . DG  A 1 3  ? -3.741  12.774  1.703   1.00 0.00 ? 3  DG  A "C5'"  1 
ATOM   67  C "C4'"  . DG  A 1 3  ? -3.742  11.424  0.995   1.00 0.00 ? 3  DG  A "C4'"  1 
ATOM   68  O "O4'"  . DG  A 1 3  ? -2.455  11.001  0.648   1.00 0.00 ? 3  DG  A "O4'"  1 
ATOM   69  C "C3'"  . DG  A 1 3  ? -4.492  10.280  1.650   1.00 0.00 ? 3  DG  A "C3'"  1 
ATOM   70  O "O3'"  . DG  A 1 3  ? -5.398  9.776   0.680   1.00 0.00 ? 3  DG  A "O3'"  1 
ATOM   71  C "C2'"  . DG  A 1 3  ? -3.372  9.308   1.943   1.00 0.00 ? 3  DG  A "C2'"  1 
ATOM   72  C "C1'"  . DG  A 1 3  ? -2.428  9.602   0.790   1.00 0.00 ? 3  DG  A "C1'"  1 
ATOM   73  N N9     . DG  A 1 3  ? -1.019  9.290   0.981   1.00 0.00 ? 3  DG  A N9     1 
ATOM   74  C C8     . DG  A 1 3  ? -0.268  9.638   2.055   1.00 0.00 ? 3  DG  A C8     1 
ATOM   75  N N7     . DG  A 1 3  ? 1.010   9.389   1.909   1.00 0.00 ? 3  DG  A N7     1 
ATOM   76  C C5     . DG  A 1 3  ? 1.102   8.878   0.598   1.00 0.00 ? 3  DG  A C5     1 
ATOM   77  C C6     . DG  A 1 3  ? 2.213   8.438   -0.212  1.00 0.00 ? 3  DG  A C6     1 
ATOM   78  O O6     . DG  A 1 3  ? 3.405   8.326   0.066   1.00 0.00 ? 3  DG  A O6     1 
ATOM   79  N N1     . DG  A 1 3  ? 1.853   8.102   -1.507  1.00 0.00 ? 3  DG  A N1     1 
ATOM   80  C C2     . DG  A 1 3  ? 0.586   8.182   -1.995  1.00 0.00 ? 3  DG  A C2     1 
ATOM   81  N N2     . DG  A 1 3  ? 0.389   7.837   -3.245  1.00 0.00 ? 3  DG  A N2     1 
ATOM   82  N N3     . DG  A 1 3  ? -0.472  8.545   -1.273  1.00 0.00 ? 3  DG  A N3     1 
ATOM   83  C C4     . DG  A 1 3  ? -0.147  8.874   0.013   1.00 0.00 ? 3  DG  A C4     1 
ATOM   84  H "H5'"  . DG  A 1 3  ? -3.086  13.455  1.158   1.00 0.00 ? 3  DG  A "H5'"  1 
ATOM   85  H "H5''" . DG  A 1 3  ? -4.755  13.176  1.685   1.00 0.00 ? 3  DG  A "H5''" 1 
ATOM   86  H "H4'"  . DG  A 1 3  ? -4.236  11.555  0.080   1.00 0.00 ? 3  DG  A "H4'"  1 
ATOM   87  H "H3'"  . DG  A 1 3  ? -4.989  10.620  2.532   1.00 0.00 ? 3  DG  A "H3'"  1 
ATOM   88  H "H2'"  . DG  A 1 3  ? -2.908  9.588   2.871   1.00 0.00 ? 3  DG  A "H2'"  1 
ATOM   89  H "H2''" . DG  A 1 3  ? -3.714  8.288   1.973   1.00 0.00 ? 3  DG  A "H2''" 1 
ATOM   90  H "H1'"  . DG  A 1 3  ? -2.814  9.074   -0.072  1.00 0.00 ? 3  DG  A "H1'"  1 
ATOM   91  H H8     . DG  A 1 3  ? -0.801  10.112  2.878   1.00 0.00 ? 3  DG  A H8     1 
ATOM   92  H H1     . DG  A 1 3  ? 2.564   7.710   -2.111  1.00 0.00 ? 3  DG  A H1     1 
ATOM   93  H H21    . DG  A 1 3  ? 1.134   7.446   -3.834  1.00 0.00 ? 3  DG  A H21    1 
ATOM   94  H H22    . DG  A 1 3  ? -0.571  7.825   -3.538  1.00 0.00 ? 3  DG  A H22    1 
ATOM   95  P P      . DA  A 1 4  ? -6.649  8.812   1.011   1.00 0.00 ? 4  DA  A P      1 
ATOM   96  O OP1    . DA  A 1 4  ? -7.886  9.625   0.998   1.00 0.00 ? 4  DA  A OP1    1 
ATOM   97  O OP2    . DA  A 1 4  ? -6.320  7.970   2.181   1.00 0.00 ? 4  DA  A OP2    1 
ATOM   98  O "O5'"  . DA  A 1 4  ? -6.627  7.876   -0.302  1.00 0.00 ? 4  DA  A "O5'"  1 
ATOM   99  C "C5'"  . DA  A 1 4  ? -6.815  8.408   -1.605  1.00 0.00 ? 4  DA  A "C5'"  1 
ATOM   100 C "C4'"  . DA  A 1 4  ? -6.180  7.473   -2.643  1.00 0.00 ? 4  DA  A "C4'"  1 
ATOM   101 O "O4'"  . DA  A 1 4  ? -4.802  7.372   -2.365  1.00 0.00 ? 4  DA  A "O4'"  1 
ATOM   102 C "C3'"  . DA  A 1 4  ? -6.794  6.090   -2.692  1.00 0.00 ? 4  DA  A "C3'"  1 
ATOM   103 O "O3'"  . DA  A 1 4  ? -6.968  5.748   -4.059  1.00 0.00 ? 4  DA  A "O3'"  1 
ATOM   104 C "C2'"  . DA  A 1 4  ? -5.740  5.273   -1.978  1.00 0.00 ? 4  DA  A "C2'"  1 
ATOM   105 C "C1'"  . DA  A 1 4  ? -4.458  6.008   -2.354  1.00 0.00 ? 4  DA  A "C1'"  1 
ATOM   106 N N9     . DA  A 1 4  ? -3.371  5.853   -1.364  1.00 0.00 ? 4  DA  A N9     1 
ATOM   107 C C8     . DA  A 1 4  ? -3.437  6.179   -0.037  1.00 0.00 ? 4  DA  A C8     1 
ATOM   108 N N7     . DA  A 1 4  ? -2.324  6.023   0.623   1.00 0.00 ? 4  DA  A N7     1 
ATOM   109 C C5     . DA  A 1 4  ? -1.441  5.576   -0.368  1.00 0.00 ? 4  DA  A C5     1 
ATOM   110 C C6     . DA  A 1 4  ? -0.065  5.257   -0.384  1.00 0.00 ? 4  DA  A C6     1 
ATOM   111 N N6     . DA  A 1 4  ? 0.718   5.317   0.681   1.00 0.00 ? 4  DA  A N6     1 
ATOM   112 N N1     . DA  A 1 4  ? 0.533   4.890   -1.523  1.00 0.00 ? 4  DA  A N1     1 
ATOM   113 C C2     . DA  A 1 4  ? -0.200  4.843   -2.633  1.00 0.00 ? 4  DA  A C2     1 
ATOM   114 N N3     . DA  A 1 4  ? -1.495  5.124   -2.772  1.00 0.00 ? 4  DA  A N3     1 
ATOM   115 C C4     . DA  A 1 4  ? -2.064  5.486   -1.587  1.00 0.00 ? 4  DA  A C4     1 
ATOM   116 H "H5'"  . DA  A 1 4  ? -6.327  9.381   -1.684  1.00 0.00 ? 4  DA  A "H5'"  1 
ATOM   117 H "H5''" . DA  A 1 4  ? -7.880  8.530   -1.805  1.00 0.00 ? 4  DA  A "H5''" 1 
ATOM   118 H "H4'"  . DA  A 1 4  ? -6.296  7.852   -3.631  1.00 0.00 ? 4  DA  A "H4'"  1 
ATOM   119 H "H3'"  . DA  A 1 4  ? -7.738  6.095   -2.181  1.00 0.00 ? 4  DA  A "H3'"  1 
ATOM   120 H "H2'"  . DA  A 1 4  ? -5.933  5.388   -0.919  1.00 0.00 ? 4  DA  A "H2'"  1 
ATOM   121 H "H2''" . DA  A 1 4  ? -5.747  4.228   -2.265  1.00 0.00 ? 4  DA  A "H2''" 1 
ATOM   122 H "H1'"  . DA  A 1 4  ? -4.178  5.706   -3.357  1.00 0.00 ? 4  DA  A "H1'"  1 
ATOM   123 H H8     . DA  A 1 4  ? -4.353  6.561   0.386   1.00 0.00 ? 4  DA  A H8     1 
ATOM   124 H H61    . DA  A 1 4  ? 1.706   5.070   0.604   1.00 0.00 ? 4  DA  A H61    1 
ATOM   125 H H62    . DA  A 1 4  ? 0.308   5.566   1.565   1.00 0.00 ? 4  DA  A H62    1 
ATOM   126 H H2     . DA  A 1 4  ? 0.322   4.544   -3.532  1.00 0.00 ? 4  DA  A H2     1 
ATOM   127 P P      . DA  A 1 5  ? -7.658  4.377   -4.562  1.00 0.00 ? 5  DA  A P      1 
ATOM   128 O OP1    . DA  A 1 5  ? -8.623  4.709   -5.633  1.00 0.00 ? 5  DA  A OP1    1 
ATOM   129 O OP2    . DA  A 1 5  ? -8.094  3.589   -3.389  1.00 0.00 ? 5  DA  A OP2    1 
ATOM   130 O "O5'"  . DA  A 1 5  ? -6.393  3.638   -5.224  1.00 0.00 ? 5  DA  A "O5'"  1 
ATOM   131 C "C5'"  . DA  A 1 5  ? -5.762  4.154   -6.385  1.00 0.00 ? 5  DA  A "C5'"  1 
ATOM   132 C "C4'"  . DA  A 1 5  ? -4.554  3.285   -6.746  1.00 0.00 ? 5  DA  A "C4'"  1 
ATOM   133 O "O4'"  . DA  A 1 5  ? -3.594  3.354   -5.711  1.00 0.00 ? 5  DA  A "O4'"  1 
ATOM   134 C "C3'"  . DA  A 1 5  ? -4.910  1.837   -7.026  1.00 0.00 ? 5  DA  A "C3'"  1 
ATOM   135 O "O3'"  . DA  A 1 5  ? -4.310  1.435   -8.248  1.00 0.00 ? 5  DA  A "O3'"  1 
ATOM   136 C "C2'"  . DA  A 1 5  ? -4.369  1.178   -5.800  1.00 0.00 ? 5  DA  A "C2'"  1 
ATOM   137 C "C1'"  . DA  A 1 5  ? -3.200  2.044   -5.380  1.00 0.00 ? 5  DA  A "C1'"  1 
ATOM   138 N N9     . DA  A 1 5  ? -2.964  2.011   -3.925  1.00 0.00 ? 5  DA  A N9     1 
ATOM   139 C C8     . DA  A 1 5  ? -3.887  2.300   -2.965  1.00 0.00 ? 5  DA  A C8     1 
ATOM   140 N N7     . DA  A 1 5  ? -3.440  2.302   -1.742  1.00 0.00 ? 5  DA  A N7     1 
ATOM   141 C C5     . DA  A 1 5  ? -2.088  1.990   -1.923  1.00 0.00 ? 5  DA  A C5     1 
ATOM   142 C C6     . DA  A 1 5  ? -0.989  1.869   -1.047  1.00 0.00 ? 5  DA  A C6     1 
ATOM   143 N N6     . DA  A 1 5  ? -1.068  2.082   0.257   1.00 0.00 ? 5  DA  A N6     1 
ATOM   144 N N1     . DA  A 1 5  ? 0.222   1.563   -1.523  1.00 0.00 ? 5  DA  A N1     1 
ATOM   145 C C2     . DA  A 1 5  ? 0.365   1.395   -2.835  1.00 0.00 ? 5  DA  A C2     1 
ATOM   146 N N3     . DA  A 1 5  ? -0.572  1.494   -3.776  1.00 0.00 ? 5  DA  A N3     1 
ATOM   147 C C4     . DA  A 1 5  ? -1.787  1.805   -3.248  1.00 0.00 ? 5  DA  A C4     1 
ATOM   148 H "H5'"  . DA  A 1 5  ? -5.423  5.173   -6.200  1.00 0.00 ? 5  DA  A "H5'"  1 
ATOM   149 H "H5''" . DA  A 1 5  ? -6.469  4.158   -7.217  1.00 0.00 ? 5  DA  A "H5''" 1 
ATOM   150 H "H4'"  . DA  A 1 5  ? -4.078  3.623   -7.642  1.00 0.00 ? 5  DA  A "H4'"  1 
ATOM   151 H "H3'"  . DA  A 1 5  ? -5.969  1.655   -7.028  1.00 0.00 ? 5  DA  A "H3'"  1 
ATOM   152 H "H2'"  . DA  A 1 5  ? -5.160  1.225   -5.063  1.00 0.00 ? 5  DA  A "H2'"  1 
ATOM   153 H "H2''" . DA  A 1 5  ? -4.073  0.184   -6.063  1.00 0.00 ? 5  DA  A "H2''" 1 
ATOM   154 H "H1'"  . DA  A 1 5  ? -2.338  1.736   -5.950  1.00 0.00 ? 5  DA  A "H1'"  1 
ATOM   155 H H8     . DA  A 1 5  ? -4.896  2.517   -3.262  1.00 0.00 ? 5  DA  A H8     1 
ATOM   156 H H61    . DA  A 1 5  ? -0.223  2.065   0.830   1.00 0.00 ? 5  DA  A H61    1 
ATOM   157 H H62    . DA  A 1 5  ? -1.966  2.322   0.644   1.00 0.00 ? 5  DA  A H62    1 
ATOM   158 H H2     . DA  A 1 5  ? 1.359   1.145   -3.178  1.00 0.00 ? 5  DA  A H2     1 
ATOM   159 P P      . DT  A 1 6  ? -4.483  -0.047  -8.867  1.00 0.00 ? 6  DT  A P      1 
ATOM   160 O OP1    . DT  A 1 6  ? -4.231  0.025   -10.323 1.00 0.00 ? 6  DT  A OP1    1 
ATOM   161 O OP2    . DT  A 1 6  ? -5.744  -0.631  -8.360  1.00 0.00 ? 6  DT  A OP2    1 
ATOM   162 O "O5'"  . DT  A 1 6  ? -3.254  -0.819  -8.173  1.00 0.00 ? 6  DT  A "O5'"  1 
ATOM   163 C "C5'"  . DT  A 1 6  ? -1.913  -0.510  -8.503  1.00 0.00 ? 6  DT  A "C5'"  1 
ATOM   164 C "C4'"  . DT  A 1 6  ? -0.933  -1.371  -7.704  1.00 0.00 ? 6  DT  A "C4'"  1 
ATOM   165 O "O4'"  . DT  A 1 6  ? -0.829  -0.928  -6.354  1.00 0.00 ? 6  DT  A "O4'"  1 
ATOM   166 C "C3'"  . DT  A 1 6  ? -1.320  -2.857  -7.682  1.00 0.00 ? 6  DT  A "C3'"  1 
ATOM   167 O "O3'"  . DT  A 1 6  ? -0.175  -3.586  -8.107  1.00 0.00 ? 6  DT  A "O3'"  1 
ATOM   168 C "C2'"  . DT  A 1 6  ? -1.734  -3.049  -6.238  1.00 0.00 ? 6  DT  A "C2'"  1 
ATOM   169 C "C1'"  . DT  A 1 6  ? -0.873  -2.052  -5.490  1.00 0.00 ? 6  DT  A "C1'"  1 
ATOM   170 N N1     . DT  A 1 6  ? -1.378  -1.730  -4.136  1.00 0.00 ? 6  DT  A N1     1 
ATOM   171 C C2     . DT  A 1 6  ? -0.533  -1.854  -3.029  1.00 0.00 ? 6  DT  A C2     1 
ATOM   172 O O2     . DT  A 1 6  ? 0.656   -2.135  -3.115  1.00 0.00 ? 6  DT  A O2     1 
ATOM   173 N N3     . DT  A 1 6  ? -1.115  -1.679  -1.790  1.00 0.00 ? 6  DT  A N3     1 
ATOM   174 C C4     . DT  A 1 6  ? -2.456  -1.441  -1.544  1.00 0.00 ? 6  DT  A C4     1 
ATOM   175 O O4     . DT  A 1 6  ? -2.835  -1.302  -0.387  1.00 0.00 ? 6  DT  A O4     1 
ATOM   176 C C5     . DT  A 1 6  ? -3.274  -1.367  -2.750  1.00 0.00 ? 6  DT  A C5     1 
ATOM   177 C C7     . DT  A 1 6  ? -4.772  -1.196  -2.729  1.00 0.00 ? 6  DT  A C7     1 
ATOM   178 C C6     . DT  A 1 6  ? -2.708  -1.482  -3.965  1.00 0.00 ? 6  DT  A C6     1 
ATOM   179 H "H5'"  . DT  A 1 6  ? -1.711  0.543   -8.301  1.00 0.00 ? 6  DT  A "H5'"  1 
ATOM   180 H "H5''" . DT  A 1 6  ? -1.759  -0.699  -9.566  1.00 0.00 ? 6  DT  A "H5''" 1 
ATOM   181 H "H4'"  . DT  A 1 6  ? 0.051   -1.268  -8.162  1.00 0.00 ? 6  DT  A "H4'"  1 
ATOM   182 H "H3'"  . DT  A 1 6  ? -2.202  -3.093  -8.272  1.00 0.00 ? 6  DT  A "H3'"  1 
ATOM   183 H "H2'"  . DT  A 1 6  ? -2.787  -2.805  -6.186  1.00 0.00 ? 6  DT  A "H2'"  1 
ATOM   184 H "H2''" . DT  A 1 6  ? -1.587  -4.047  -5.873  1.00 0.00 ? 6  DT  A "H2''" 1 
ATOM   185 H "H1'"  . DT  A 1 6  ? 0.101   -2.522  -5.396  1.00 0.00 ? 6  DT  A "H1'"  1 
ATOM   186 H H3     . DT  A 1 6  ? -0.492  -1.768  -0.992  1.00 0.00 ? 6  DT  A H3     1 
ATOM   187 H H71    . DT  A 1 6  ? -5.163  -1.256  -3.756  1.00 0.00 ? 6  DT  A H71    1 
ATOM   188 H H72    . DT  A 1 6  ? -5.200  -1.993  -2.128  1.00 0.00 ? 6  DT  A H72    1 
ATOM   189 H H73    . DT  A 1 6  ? -5.017  -0.236  -2.290  1.00 0.00 ? 6  DT  A H73    1 
ATOM   190 H H6     . DT  A 1 6  ? -3.332  -1.404  -4.823  1.00 0.00 ? 6  DT  A H6     1 
HETATM 191 P P      . ATD A 1 7  ? 0.028   -5.156  -7.828  1.00 0.00 ? 7  ATD A P      1 
HETATM 192 O OP1    . ATD A 1 7  ? 1.173   -5.639  -8.631  1.00 0.00 ? 7  ATD A OP1    1 
HETATM 193 O OP2    . ATD A 1 7  ? -1.279  -5.844  -7.897  1.00 0.00 ? 7  ATD A OP2    1 
HETATM 194 O "O5'"  . ATD A 1 7  ? 2.912   -9.128  -6.051  1.00 0.00 ? 7  ATD A "O5'"  1 
HETATM 195 C "C5'"  . ATD A 1 7  ? 2.922   -7.728  -6.174  1.00 0.00 ? 7  ATD A "C5'"  1 
HETATM 196 C "C4'"  . ATD A 1 7  ? 1.610   -7.085  -5.748  1.00 0.00 ? 7  ATD A "C4'"  1 
HETATM 197 O "O4'"  . ATD A 1 7  ? 1.130   -7.403  -4.465  1.00 0.00 ? 7  ATD A "O4'"  1 
HETATM 198 C "C3'"  . ATD A 1 7  ? 1.683   -5.576  -5.796  1.00 0.00 ? 7  ATD A "C3'"  1 
HETATM 199 O "O3'"  . ATD A 1 7  ? 0.472   -5.062  -6.277  1.00 0.00 ? 7  ATD A "O3'"  1 
HETATM 200 C "C2'"  . ATD A 1 7  ? 1.948   -5.180  -4.349  1.00 0.00 ? 7  ATD A "C2'"  1 
HETATM 201 C "C1'"  . ATD A 1 7  ? 1.364   -6.340  -3.558  1.00 0.00 ? 7  ATD A "C1'"  1 
HETATM 202 N N1     . ATD A 1 7  ? 0.120   -5.839  -2.923  1.00 0.00 ? 7  ATD A N1     1 
HETATM 203 C C2     . ATD A 1 7  ? 0.151   -5.428  -1.588  1.00 0.00 ? 7  ATD A C2     1 
HETATM 204 O O2     . ATD A 1 7  ? 1.172   -5.416  -0.911  1.00 0.00 ? 7  ATD A O2     1 
HETATM 205 N N3     . ATD A 1 7  ? -1.054  -5.049  -1.037  1.00 0.00 ? 7  ATD A N3     1 
HETATM 206 C C4     . ATD A 1 7  ? -2.277  -5.056  -1.682  1.00 0.00 ? 7  ATD A C4     1 
HETATM 207 O O4     . ATD A 1 7  ? -3.276  -4.718  -1.056  1.00 0.00 ? 7  ATD A O4     1 
HETATM 208 C C5     . ATD A 1 7  ? -2.214  -5.448  -3.091  1.00 0.00 ? 7  ATD A C5     1 
HETATM 209 C C5M    . ATD A 1 7  ? -3.446  -5.537  -3.964  1.00 0.00 ? 7  ATD A C5M    1 
HETATM 210 C C6     . ATD A 1 7  ? -1.030  -5.764  -3.660  1.00 0.00 ? 7  ATD A C6     1 
HETATM 211 H "H5'"  . ATD A 1 7  ? 3.186   -7.451  -7.197  1.00 0.00 ? 7  ATD A "H5'"  1 
HETATM 212 H "H5''" . ATD A 1 7  ? 3.667   -7.342  -5.521  1.00 0.00 ? 7  ATD A "H5''" 1 
HETATM 213 H "H4'"  . ATD A 1 7  ? 0.880   -7.415  -6.425  1.00 0.00 ? 7  ATD A "H4'"  1 
HETATM 214 H "H3'"  . ATD A 1 7  ? 2.454   -5.242  -6.448  1.00 0.00 ? 7  ATD A "H3'"  1 
HETATM 215 H "H2'"  . ATD A 1 7  ? 3.002   -5.105  -4.121  1.00 0.00 ? 7  ATD A "H2'"  1 
HETATM 216 H "H2''" . ATD A 1 7  ? 1.459   -4.238  -4.122  1.00 0.00 ? 7  ATD A "H2''" 1 
HETATM 217 H "H1'"  . ATD A 1 7  ? 2.032   -6.758  -2.803  1.00 0.00 ? 7  ATD A "H1'"  1 
HETATM 218 H H3     . ATD A 1 7  ? -1.038  -4.823  -0.046  1.00 0.00 ? 7  ATD A H3     1 
HETATM 219 H H71    . ATD A 1 7  ? -4.289  -5.915  -3.384  1.00 0.00 ? 7  ATD A H71    1 
HETATM 220 H H72    . ATD A 1 7  ? -3.661  -4.562  -4.373  1.00 0.00 ? 7  ATD A H72    1 
HETATM 221 H H73    . ATD A 1 7  ? -3.269  -6.206  -4.804  1.00 0.00 ? 7  ATD A H73    1 
HETATM 222 H H6     . ATD A 1 7  ? -0.968  -5.977  -4.713  1.00 0.00 ? 7  ATD A H6     1 
ATOM   223 P P      . DC  A 1 8  ? 4.214   -9.875  -5.468  1.00 0.00 ? 8  DC  A P      1 
ATOM   224 O OP1    . DC  A 1 8  ? 5.421   -9.331  -6.130  1.00 0.00 ? 8  DC  A OP1    1 
ATOM   225 O OP2    . DC  A 1 8  ? 3.955   -11.331 -5.463  1.00 0.00 ? 8  DC  A OP2    1 
ATOM   226 O "O5'"  . DC  A 1 8  ? 4.155   -9.347  -3.944  1.00 0.00 ? 8  DC  A "O5'"  1 
ATOM   227 C "C5'"  . DC  A 1 8  ? 5.081   -8.426  -3.367  1.00 0.00 ? 8  DC  A "C5'"  1 
ATOM   228 C "C4'"  . DC  A 1 8  ? 4.784   -8.379  -1.859  1.00 0.00 ? 8  DC  A "C4'"  1 
ATOM   229 O "O4'"  . DC  A 1 8  ? 3.530   -7.738  -1.644  1.00 0.00 ? 8  DC  A "O4'"  1 
ATOM   230 C "C3'"  . DC  A 1 8  ? 4.785   -9.799  -1.327  1.00 0.00 ? 8  DC  A "C3'"  1 
ATOM   231 O "O3'"  . DC  A 1 8  ? 5.813   -9.999  -0.373  1.00 0.00 ? 8  DC  A "O3'"  1 
ATOM   232 C "C2'"  . DC  A 1 8  ? 3.410   -9.804  -0.728  1.00 0.00 ? 8  DC  A "C2'"  1 
ATOM   233 C "C1'"  . DC  A 1 8  ? 2.790   -8.443  -0.676  1.00 0.00 ? 8  DC  A "C1'"  1 
ATOM   234 N N1     . DC  A 1 8  ? 1.317   -8.519  -0.811  1.00 0.00 ? 8  DC  A N1     1 
ATOM   235 C C2     . DC  A 1 8  ? 0.467   -8.232  0.272   1.00 0.00 ? 8  DC  A C2     1 
ATOM   236 O O2     . DC  A 1 8  ? 0.907   -8.039  1.402   1.00 0.00 ? 8  DC  A O2     1 
ATOM   237 N N3     . DC  A 1 8  ? -0.882  -8.179  0.090   1.00 0.00 ? 8  DC  A N3     1 
ATOM   238 C C4     . DC  A 1 8  ? -1.376  -8.458  -1.107  1.00 0.00 ? 8  DC  A C4     1 
ATOM   239 N N4     . DC  A 1 8  ? -2.670  -8.326  -1.290  1.00 0.00 ? 8  DC  A N4     1 
ATOM   240 C C5     . DC  A 1 8  ? -0.538  -8.812  -2.202  1.00 0.00 ? 8  DC  A C5     1 
ATOM   241 C C6     . DC  A 1 8  ? 0.790   -8.874  -2.006  1.00 0.00 ? 8  DC  A C6     1 
ATOM   242 H "H5'"  . DC  A 1 8  ? 4.970   -7.432  -3.800  1.00 0.00 ? 8  DC  A "H5'"  1 
ATOM   243 H "H5''" . DC  A 1 8  ? 6.100   -8.782  -3.523  1.00 0.00 ? 8  DC  A "H5''" 1 
ATOM   244 H "H4'"  . DC  A 1 8  ? 5.514   -7.862  -1.264  1.00 0.00 ? 8  DC  A "H4'"  1 
ATOM   245 H "H3'"  . DC  A 1 8  ? 4.866   -10.550 -2.114  1.00 0.00 ? 8  DC  A "H3'"  1 
ATOM   246 H "H2'"  . DC  A 1 8  ? 2.857   -10.343 -1.468  1.00 0.00 ? 8  DC  A "H2'"  1 
ATOM   247 H "H2''" . DC  A 1 8  ? 3.380   -10.175 0.250   1.00 0.00 ? 8  DC  A "H2''" 1 
ATOM   248 H "H1'"  . DC  A 1 8  ? 2.967   -8.030  0.299   1.00 0.00 ? 8  DC  A "H1'"  1 
ATOM   249 H H41    . DC  A 1 8  ? -3.271  -8.101  -0.493  1.00 0.00 ? 8  DC  A H41    1 
ATOM   250 H H42    . DC  A 1 8  ? -3.065  -8.579  -2.173  1.00 0.00 ? 8  DC  A H42    1 
ATOM   251 H H5     . DC  A 1 8  ? -0.842  -8.969  -3.203  1.00 0.00 ? 8  DC  A H5     1 
ATOM   252 H H6     . DC  A 1 8  ? 1.462   -9.105  -2.819  1.00 0.00 ? 8  DC  A H6     1 
ATOM   253 P P      . DG  A 1 9  ? 6.278   -11.486 0.070   1.00 0.00 ? 9  DG  A P      1 
ATOM   254 O OP1    . DG  A 1 9  ? 7.577   -11.369 0.767   1.00 0.00 ? 9  DG  A OP1    1 
ATOM   255 O OP2    . DG  A 1 9  ? 6.151   -12.389 -1.094  1.00 0.00 ? 9  DG  A OP2    1 
ATOM   256 O "O5'"  . DG  A 1 9  ? 5.158   -11.906 1.148   1.00 0.00 ? 9  DG  A "O5'"  1 
ATOM   257 C "C5'"  . DG  A 1 9  ? 5.212   -11.410 2.472   1.00 0.00 ? 9  DG  A "C5'"  1 
ATOM   258 C "C4'"  . DG  A 1 9  ? 4.066   -11.946 3.329   1.00 0.00 ? 9  DG  A "C4'"  1 
ATOM   259 O "O4'"  . DG  A 1 9  ? 2.852   -11.291 3.041   1.00 0.00 ? 9  DG  A "O4'"  1 
ATOM   260 C "C3'"  . DG  A 1 9  ? 3.839   -13.450 3.251   1.00 0.00 ? 9  DG  A "C3'"  1 
ATOM   261 O "O3'"  . DG  A 1 9  ? 3.867   -13.990 4.567   1.00 0.00 ? 9  DG  A "O3'"  1 
ATOM   262 C "C2'"  . DG  A 1 9  ? 2.499   -13.567 2.574   1.00 0.00 ? 9  DG  A "C2'"  1 
ATOM   263 C "C1'"  . DG  A 1 9  ? 1.833   -12.266 3.015   1.00 0.00 ? 9  DG  A "C1'"  1 
ATOM   264 N N9     . DG  A 1 9  ? 0.759   -11.810 2.142   1.00 0.00 ? 9  DG  A N9     1 
ATOM   265 C C8     . DG  A 1 9  ? 0.776   -11.773 0.792   1.00 0.00 ? 9  DG  A C8     1 
ATOM   266 N N7     . DG  A 1 9  ? -0.354  -11.443 0.238   1.00 0.00 ? 9  DG  A N7     1 
ATOM   267 C C5     . DG  A 1 9  ? -1.187  -11.222 1.346   1.00 0.00 ? 9  DG  A C5     1 
ATOM   268 C C6     . DG  A 1 9  ? -2.579  -10.897 1.441   1.00 0.00 ? 9  DG  A C6     1 
ATOM   269 O O6     . DG  A 1 9  ? -3.392  -10.697 0.546   1.00 0.00 ? 9  DG  A O6     1 
ATOM   270 N N1     . DG  A 1 9  ? -3.039  -10.856 2.744   1.00 0.00 ? 9  DG  A N1     1 
ATOM   271 C C2     . DG  A 1 9  ? -2.271  -11.091 3.840   1.00 0.00 ? 9  DG  A C2     1 
ATOM   272 N N2     . DG  A 1 9  ? -2.865  -11.108 5.009   1.00 0.00 ? 9  DG  A N2     1 
ATOM   273 N N3     . DG  A 1 9  ? -0.978  -11.397 3.797   1.00 0.00 ? 9  DG  A N3     1 
ATOM   274 C C4     . DG  A 1 9  ? -0.499  -11.440 2.519   1.00 0.00 ? 9  DG  A C4     1 
ATOM   275 H "H5'"  . DG  A 1 9  ? 5.170   -10.320 2.459   1.00 0.00 ? 9  DG  A "H5'"  1 
ATOM   276 H "H5''" . DG  A 1 9  ? 6.155   -11.720 2.923   1.00 0.00 ? 9  DG  A "H5''" 1 
ATOM   277 H "H4'"  . DG  A 1 9  ? 4.309   -11.732 4.347   1.00 0.00 ? 9  DG  A "H4'"  1 
ATOM   278 H "H3'"  . DG  A 1 9  ? 4.554   -13.936 2.632   1.00 0.00 ? 9  DG  A "H3'"  1 
ATOM   279 H "H2'"  . DG  A 1 9  ? 2.646   -13.575 1.493   1.00 0.00 ? 9  DG  A "H2'"  1 
ATOM   280 H "H2''" . DG  A 1 9  ? 2.017   -14.482 2.869   1.00 0.00 ? 9  DG  A "H2''" 1 
ATOM   281 H "H1'"  . DG  A 1 9  ? 1.419   -12.404 4.003   1.00 0.00 ? 9  DG  A "H1'"  1 
ATOM   282 H H8     . DG  A 1 9  ? 1.699   -12.044 0.324   1.00 0.00 ? 9  DG  A H8     1 
ATOM   283 H H1     . DG  A 1 9  ? -4.033  -10.698 2.865   1.00 0.00 ? 9  DG  A H1     1 
ATOM   284 H H21    . DG  A 1 9  ? -3.878  -10.966 5.103   1.00 0.00 ? 9  DG  A H21    1 
ATOM   285 H H22    . DG  A 1 9  ? -2.275  -11.289 5.797   1.00 0.00 ? 9  DG  A H22    1 
ATOM   286 P P      . DC  A 1 10 ? 3.775   -15.578 4.871   1.00 0.00 ? 10 DC  A P      1 
ATOM   287 O OP1    . DC  A 1 10 ? 4.529   -15.856 6.114   1.00 0.00 ? 10 DC  A OP1    1 
ATOM   288 O OP2    . DC  A 1 10 ? 4.098   -16.320 3.632   1.00 0.00 ? 10 DC  A OP2    1 
ATOM   289 O "O5'"  . DC  A 1 10 ? 2.202   -15.771 5.172   1.00 0.00 ? 10 DC  A "O5'"  1 
ATOM   290 C "C5'"  . DC  A 1 10 ? 1.656   -15.511 6.454   1.00 0.00 ? 10 DC  A "C5'"  1 
ATOM   291 C "C4'"  . DC  A 1 10 ? 0.134   -15.689 6.457   1.00 0.00 ? 10 DC  A "C4'"  1 
ATOM   292 O "O4'"  . DC  A 1 10 ? -0.486  -14.680 5.684   1.00 0.00 ? 10 DC  A "O4'"  1 
ATOM   293 C "C3'"  . DC  A 1 10 ? -0.343  -17.004 5.842   1.00 0.00 ? 10 DC  A "C3'"  1 
ATOM   294 O "O3'"  . DC  A 1 10 ? -0.308  -18.068 6.775   1.00 0.00 ? 10 DC  A "O3'"  1 
ATOM   295 C "C2'"  . DC  A 1 10 ? -1.772  -16.665 5.437   1.00 0.00 ? 10 DC  A "C2'"  1 
ATOM   296 C "C1'"  . DC  A 1 10 ? -1.781  -15.136 5.325   1.00 0.00 ? 10 DC  A "C1'"  1 
ATOM   297 N N1     . DC  A 1 10 ? -2.162  -14.731 3.959   1.00 0.00 ? 10 DC  A N1     1 
ATOM   298 C C2     . DC  A 1 10 ? -3.509  -14.567 3.620   1.00 0.00 ? 10 DC  A C2     1 
ATOM   299 O O2     . DC  A 1 10 ? -4.401  -14.658 4.464   1.00 0.00 ? 10 DC  A O2     1 
ATOM   300 N N3     . DC  A 1 10 ? -3.854  -14.315 2.332   1.00 0.00 ? 10 DC  A N3     1 
ATOM   301 C C4     . DC  A 1 10 ? -2.903  -14.220 1.416   1.00 0.00 ? 10 DC  A C4     1 
ATOM   302 N N4     . DC  A 1 10 ? -3.296  -13.923 0.203   1.00 0.00 ? 10 DC  A N4     1 
ATOM   303 C C5     . DC  A 1 10 ? -1.515  -14.377 1.727   1.00 0.00 ? 10 DC  A C5     1 
ATOM   304 C C6     . DC  A 1 10 ? -1.193  -14.633 3.012   1.00 0.00 ? 10 DC  A C6     1 
ATOM   305 H "H5'"  . DC  A 1 10 ? 1.895   -14.491 6.756   1.00 0.00 ? 10 DC  A "H5'"  1 
ATOM   306 H "H5''" . DC  A 1 10 ? 2.091   -16.206 7.173   1.00 0.00 ? 10 DC  A "H5''" 1 
ATOM   307 H "H4'"  . DC  A 1 10 ? -0.234  -15.627 7.481   1.00 0.00 ? 10 DC  A "H4'"  1 
ATOM   308 H "H3'"  . DC  A 1 10 ? 0.240   -17.228 4.946   1.00 0.00 ? 10 DC  A "H3'"  1 
ATOM   309 H "HO3'" . DC  A 1 10 ? -0.601  -18.879 6.349   1.00 0.00 ? 10 DC  A "HO3'" 1 
ATOM   310 H "H2'"  . DC  A 1 10 ? -2.028  -17.156 4.496   1.00 0.00 ? 10 DC  A "H2'"  1 
ATOM   311 H "H2''" . DC  A 1 10 ? -2.481  -16.957 6.203   1.00 0.00 ? 10 DC  A "H2''" 1 
ATOM   312 H "H1'"  . DC  A 1 10 ? -2.497  -14.706 6.009   1.00 0.00 ? 10 DC  A "H1'"  1 
ATOM   313 H H41    . DC  A 1 10 ? -4.301  -13.768 0.078   1.00 0.00 ? 10 DC  A H41    1 
ATOM   314 H H42    . DC  A 1 10 ? -2.628  -13.694 -0.507  1.00 0.00 ? 10 DC  A H42    1 
ATOM   315 H H5     . DC  A 1 10 ? -0.710  -14.275 1.027   1.00 0.00 ? 10 DC  A H5     1 
ATOM   316 H H6     . DC  A 1 10 ? -0.176  -14.752 3.351   1.00 0.00 ? 10 DC  A H6     1 
ATOM   317 O "O5'"  . DG  B 1 1  ? -14.301 -11.904 -0.212  1.00 0.00 ? 11 DG  B "O5'"  1 
ATOM   318 C "C5'"  . DG  B 1 1  ? -14.786 -12.441 1.004   1.00 0.00 ? 11 DG  B "C5'"  1 
ATOM   319 C "C4'"  . DG  B 1 1  ? -13.764 -12.251 2.133   1.00 0.00 ? 11 DG  B "C4'"  1 
ATOM   320 O "O4'"  . DG  B 1 1  ? -12.532 -12.861 1.778   1.00 0.00 ? 11 DG  B "O4'"  1 
ATOM   321 C "C3'"  . DG  B 1 1  ? -13.484 -10.778 2.462   1.00 0.00 ? 11 DG  B "C3'"  1 
ATOM   322 O "O3'"  . DG  B 1 1  ? -13.694 -10.600 3.856   1.00 0.00 ? 11 DG  B "O3'"  1 
ATOM   323 C "C2'"  . DG  B 1 1  ? -12.028 -10.579 2.037   1.00 0.00 ? 11 DG  B "C2'"  1 
ATOM   324 C "C1'"  . DG  B 1 1  ? -11.467 -12.004 2.148   1.00 0.00 ? 11 DG  B "C1'"  1 
ATOM   325 N N9     . DG  B 1 1  ? -10.291 -12.299 1.305   1.00 0.00 ? 11 DG  B N9     1 
ATOM   326 C C8     . DG  B 1 1  ? -10.145 -12.075 -0.032  1.00 0.00 ? 11 DG  B C8     1 
ATOM   327 N N7     . DG  B 1 1  ? -8.984  -12.419 -0.515  1.00 0.00 ? 11 DG  B N7     1 
ATOM   328 C C5     . DG  B 1 1  ? -8.297  -12.924 0.596   1.00 0.00 ? 11 DG  B C5     1 
ATOM   329 C C6     . DG  B 1 1  ? -6.957  -13.431 0.746   1.00 0.00 ? 11 DG  B C6     1 
ATOM   330 O O6     . DG  B 1 1  ? -6.065  -13.571 -0.090  1.00 0.00 ? 11 DG  B O6     1 
ATOM   331 N N1     . DG  B 1 1  ? -6.653  -13.783 2.047   1.00 0.00 ? 11 DG  B N1     1 
ATOM   332 C C2     . DG  B 1 1  ? -7.524  -13.686 3.090   1.00 0.00 ? 11 DG  B C2     1 
ATOM   333 N N2     . DG  B 1 1  ? -7.066  -13.988 4.282   1.00 0.00 ? 11 DG  B N2     1 
ATOM   334 N N3     . DG  B 1 1  ? -8.779  -13.246 2.988   1.00 0.00 ? 11 DG  B N3     1 
ATOM   335 C C4     . DG  B 1 1  ? -9.106  -12.870 1.714   1.00 0.00 ? 11 DG  B C4     1 
ATOM   336 H "H5'"  . DG  B 1 1  ? -14.982 -13.508 0.877   1.00 0.00 ? 11 DG  B "H5'"  1 
ATOM   337 H "H5''" . DG  B 1 1  ? -15.718 -11.945 1.274   1.00 0.00 ? 11 DG  B "H5''" 1 
ATOM   338 H "H4'"  . DG  B 1 1  ? -14.150 -12.742 3.028   1.00 0.00 ? 11 DG  B "H4'"  1 
ATOM   339 H "H3'"  . DG  B 1 1  ? -14.141 -10.116 1.895   1.00 0.00 ? 11 DG  B "H3'"  1 
ATOM   340 H "H2'"  . DG  B 1 1  ? -12.001 -10.258 0.993   1.00 0.00 ? 11 DG  B "H2'"  1 
ATOM   341 H "H2''" . DG  B 1 1  ? -11.527 -9.843  2.681   1.00 0.00 ? 11 DG  B "H2''" 1 
ATOM   342 H "H1'"  . DG  B 1 1  ? -11.186 -12.197 3.172   1.00 0.00 ? 11 DG  B "H1'"  1 
ATOM   343 H H8     . DG  B 1 1  ? -10.956 -11.651 -0.598  1.00 0.00 ? 11 DG  B H8     1 
ATOM   344 H H1     . DG  B 1 1  ? -5.689  -14.053 2.218   1.00 0.00 ? 11 DG  B H1     1 
ATOM   345 H H21    . DG  B 1 1  ? -6.084  -14.259 4.417   1.00 0.00 ? 11 DG  B H21    1 
ATOM   346 H H22    . DG  B 1 1  ? -7.706  -13.873 5.044   1.00 0.00 ? 11 DG  B H22    1 
ATOM   347 H "HO5'" . DG  B 1 1  ? -13.509 -12.395 -0.453  1.00 0.00 ? 11 DG  B "HO5'" 1 
ATOM   348 P P      . DC  B 1 2  ? -13.521 -9.176  4.602   1.00 0.00 ? 12 DC  B P      1 
ATOM   349 O OP1    . DC  B 1 2  ? -14.512 -9.105  5.698   1.00 0.00 ? 12 DC  B OP1    1 
ATOM   350 O OP2    . DC  B 1 2  ? -13.470 -8.104  3.583   1.00 0.00 ? 12 DC  B OP2    1 
ATOM   351 O "O5'"  . DC  B 1 2  ? -12.050 -9.335  5.246   1.00 0.00 ? 12 DC  B "O5'"  1 
ATOM   352 C "C5'"  . DC  B 1 2  ? -11.836 -10.171 6.369   1.00 0.00 ? 12 DC  B "C5'"  1 
ATOM   353 C "C4'"  . DC  B 1 2  ? -10.367 -10.170 6.795   1.00 0.00 ? 12 DC  B "C4'"  1 
ATOM   354 O "O4'"  . DC  B 1 2  ? -9.549  -10.907 5.896   1.00 0.00 ? 12 DC  B "O4'"  1 
ATOM   355 C "C3'"  . DC  B 1 2  ? -9.783  -8.781  7.042   1.00 0.00 ? 12 DC  B "C3'"  1 
ATOM   356 O "O3'"  . DC  B 1 2  ? -9.387  -8.641  8.394   1.00 0.00 ? 12 DC  B "O3'"  1 
ATOM   357 C "C2'"  . DC  B 1 2  ? -8.645  -8.812  6.058   1.00 0.00 ? 12 DC  B "C2'"  1 
ATOM   358 C "C1'"  . DC  B 1 2  ? -8.294  -10.264 5.810   1.00 0.00 ? 12 DC  B "C1'"  1 
ATOM   359 N N1     . DC  B 1 2  ? -7.696  -10.377 4.456   1.00 0.00 ? 12 DC  B N1     1 
ATOM   360 C C2     . DC  B 1 2  ? -6.337  -10.614 4.260   1.00 0.00 ? 12 DC  B C2     1 
ATOM   361 O O2     . DC  B 1 2  ? -5.587  -10.848 5.207   1.00 0.00 ? 12 DC  B O2     1 
ATOM   362 N N3     . DC  B 1 2  ? -5.824  -10.570 3.000   1.00 0.00 ? 12 DC  B N3     1 
ATOM   363 C C4     . DC  B 1 2  ? -6.613  -10.259 1.978   1.00 0.00 ? 12 DC  B C4     1 
ATOM   364 N N4     . DC  B 1 2  ? -6.104  -10.267 0.775   1.00 0.00 ? 12 DC  B N4     1 
ATOM   365 C C5     . DC  B 1 2  ? -7.991  -9.957  2.143   1.00 0.00 ? 12 DC  B C5     1 
ATOM   366 C C6     . DC  B 1 2  ? -8.471  -10.033 3.394   1.00 0.00 ? 12 DC  B C6     1 
ATOM   367 H "H5'"  . DC  B 1 2  ? -12.139 -11.191 6.132   1.00 0.00 ? 12 DC  B "H5'"  1 
ATOM   368 H "H5''" . DC  B 1 2  ? -12.441 -9.807  7.201   1.00 0.00 ? 12 DC  B "H5''" 1 
ATOM   369 H "H4'"  . DC  B 1 2  ? -10.274 -10.672 7.738   1.00 0.00 ? 12 DC  B "H4'"  1 
ATOM   370 H "H3'"  . DC  B 1 2  ? -10.454 -7.969  6.766   1.00 0.00 ? 12 DC  B "H3'"  1 
ATOM   371 H "H2'"  . DC  B 1 2  ? -9.074  -8.413  5.131   1.00 0.00 ? 12 DC  B "H2'"  1 
ATOM   372 H "H2''" . DC  B 1 2  ? -7.767  -8.312  6.434   1.00 0.00 ? 12 DC  B "H2''" 1 
ATOM   373 H "H1'"  . DC  B 1 2  ? -7.624  -10.613 6.598   1.00 0.00 ? 12 DC  B "H1'"  1 
ATOM   374 H H41    . DC  B 1 2  ? -5.098  -10.431 0.683   1.00 0.00 ? 12 DC  B H41    1 
ATOM   375 H H42    . DC  B 1 2  ? -6.672  -10.035 -0.015  1.00 0.00 ? 12 DC  B H42    1 
ATOM   376 H H5     . DC  B 1 2  ? -8.670  -9.674  1.362   1.00 0.00 ? 12 DC  B H5     1 
ATOM   377 H H6     . DC  B 1 2  ? -9.475  -9.773  3.622   1.00 0.00 ? 12 DC  B H6     1 
ATOM   378 P P      . DG  B 1 3  ? -9.341  -7.195  9.121   1.00 0.00 ? 13 DG  B P      1 
ATOM   379 O OP1    . DG  B 1 3  ? -9.284  -7.419  10.582  1.00 0.00 ? 13 DG  B OP1    1 
ATOM   380 O OP2    . DG  B 1 3  ? -10.404 -6.336  8.553   1.00 0.00 ? 13 DG  B OP2    1 
ATOM   381 O "O5'"  . DG  B 1 3  ? -7.919  -6.622  8.636   1.00 0.00 ? 13 DG  B "O5'"  1 
ATOM   382 C "C5'"  . DG  B 1 3  ? -6.730  -7.133  9.196   1.00 0.00 ? 13 DG  B "C5'"  1 
ATOM   383 C "C4'"  . DG  B 1 3  ? -5.487  -6.518  8.565   1.00 0.00 ? 13 DG  B "C4'"  1 
ATOM   384 O "O4'"  . DG  B 1 3  ? -5.239  -7.006  7.276   1.00 0.00 ? 13 DG  B "O4'"  1 
ATOM   385 C "C3'"  . DG  B 1 3  ? -5.400  -5.003  8.553   1.00 0.00 ? 13 DG  B "C3'"  1 
ATOM   386 O "O3'"  . DG  B 1 3  ? -4.148  -4.651  9.117   1.00 0.00 ? 13 DG  B "O3'"  1 
ATOM   387 C "C2'"  . DG  B 1 3  ? -5.443  -4.700  7.073   1.00 0.00 ? 13 DG  B "C2'"  1 
ATOM   388 C "C1'"  . DG  B 1 3  ? -4.742  -5.925  6.523   1.00 0.00 ? 13 DG  B "C1'"  1 
ATOM   389 N N9     . DG  B 1 3  ? -5.014  -6.260  5.135   1.00 0.00 ? 13 DG  B N9     1 
ATOM   390 C C8     . DG  B 1 3  ? -6.236  -6.350  4.556   1.00 0.00 ? 13 DG  B C8     1 
ATOM   391 N N7     . DG  B 1 3  ? -6.193  -6.728  3.302   1.00 0.00 ? 13 DG  B N7     1 
ATOM   392 C C5     . DG  B 1 3  ? -4.821  -6.959  3.069   1.00 0.00 ? 13 DG  B C5     1 
ATOM   393 C C6     . DG  B 1 3  ? -4.075  -7.398  1.912   1.00 0.00 ? 13 DG  B C6     1 
ATOM   394 O O6     . DG  B 1 3  ? -4.448  -7.621  0.763   1.00 0.00 ? 13 DG  B O6     1 
ATOM   395 N N1     . DG  B 1 3  ? -2.727  -7.588  2.168   1.00 0.00 ? 13 DG  B N1     1 
ATOM   396 C C2     . DG  B 1 3  ? -2.139  -7.387  3.377   1.00 0.00 ? 13 DG  B C2     1 
ATOM   397 N N2     . DG  B 1 3  ? -0.853  -7.622  3.479   1.00 0.00 ? 13 DG  B N2     1 
ATOM   398 N N3     . DG  B 1 3  ? -2.776  -6.932  4.451   1.00 0.00 ? 13 DG  B N3     1 
ATOM   399 C C4     . DG  B 1 3  ? -4.110  -6.736  4.228   1.00 0.00 ? 13 DG  B C4     1 
ATOM   400 H "H5'"  . DG  B 1 3  ? -6.694  -8.215  9.058   1.00 0.00 ? 13 DG  B "H5'"  1 
ATOM   401 H "H5''" . DG  B 1 3  ? -6.719  -6.918  10.265  1.00 0.00 ? 13 DG  B "H5''" 1 
ATOM   402 H "H4'"  . DG  B 1 3  ? -4.668  -6.827  9.143   1.00 0.00 ? 13 DG  B "H4'"  1 
ATOM   403 H "H3'"  . DG  B 1 3  ? -6.216  -4.572  9.088   1.00 0.00 ? 13 DG  B "H3'"  1 
ATOM   404 H "H2'"  . DG  B 1 3  ? -6.471  -4.702  6.756   1.00 0.00 ? 13 DG  B "H2'"  1 
ATOM   405 H "H2''" . DG  B 1 3  ? -4.960  -3.769  6.820   1.00 0.00 ? 13 DG  B "H2''" 1 
ATOM   406 H "H1'"  . DG  B 1 3  ? -3.682  -5.754  6.663   1.00 0.00 ? 13 DG  B "H1'"  1 
ATOM   407 H H8     . DG  B 1 3  ? -7.090  -6.119  5.196   1.00 0.00 ? 13 DG  B H8     1 
ATOM   408 H H1     . DG  B 1 3  ? -2.126  -7.845  1.393   1.00 0.00 ? 13 DG  B H1     1 
ATOM   409 H H21    . DG  B 1 3  ? -0.267  -7.855  2.670   1.00 0.00 ? 13 DG  B H21    1 
ATOM   410 H H22    . DG  B 1 3  ? -0.444  -7.386  4.364   1.00 0.00 ? 13 DG  B H22    1 
ATOM   411 P P      . DA  B 1 4  ? -3.825  -3.201  9.745   1.00 0.00 ? 14 DA  B P      1 
ATOM   412 O OP1    . DA  B 1 4  ? -4.014  -3.270  11.210  1.00 0.00 ? 14 DA  B OP1    1 
ATOM   413 O OP2    . DA  B 1 4  ? -4.518  -2.167  8.947   1.00 0.00 ? 14 DA  B OP2    1 
ATOM   414 O "O5'"  . DA  B 1 4  ? -2.250  -3.104  9.423   1.00 0.00 ? 14 DA  B "O5'"  1 
ATOM   415 C "C5'"  . DA  B 1 4  ? -1.319  -4.041  9.946   1.00 0.00 ? 14 DA  B "C5'"  1 
ATOM   416 C "C4'"  . DA  B 1 4  ? -0.106  -4.126  9.011   1.00 0.00 ? 14 DA  B "C4'"  1 
ATOM   417 O "O4'"  . DA  B 1 4  ? -0.550  -4.554  7.743   1.00 0.00 ? 14 DA  B "O4'"  1 
ATOM   418 C "C3'"  . DA  B 1 4  ? 0.659   -2.826  8.868   1.00 0.00 ? 14 DA  B "C3'"  1 
ATOM   419 O "O3'"  . DA  B 1 4  ? 2.040   -3.134  8.959   1.00 0.00 ? 14 DA  B "O3'"  1 
ATOM   420 C "C2'"  . DA  B 1 4  ? 0.213   -2.361  7.497   1.00 0.00 ? 14 DA  B "C2'"  1 
ATOM   421 C "C1'"  . DA  B 1 4  ? -0.014  -3.684  6.776   1.00 0.00 ? 14 DA  B "C1'"  1 
ATOM   422 N N9     . DA  B 1 4  ? -0.993  -3.604  5.677   1.00 0.00 ? 14 DA  B N9     1 
ATOM   423 C C8     . DA  B 1 4  ? -2.299  -3.225  5.802   1.00 0.00 ? 14 DA  B C8     1 
ATOM   424 N N7     . DA  B 1 4  ? -2.997  -3.284  4.703   1.00 0.00 ? 14 DA  B N7     1 
ATOM   425 C C5     . DA  B 1 4  ? -2.068  -3.776  3.778   1.00 0.00 ? 14 DA  B C5     1 
ATOM   426 C C6     . DA  B 1 4  ? -2.134  -4.128  2.411   1.00 0.00 ? 14 DA  B C6     1 
ATOM   427 N N6     . DA  B 1 4  ? -3.229  -4.020  1.675   1.00 0.00 ? 14 DA  B N6     1 
ATOM   428 N N1     . DA  B 1 4  ? -1.063  -4.631  1.787   1.00 0.00 ? 14 DA  B N1     1 
ATOM   429 C C2     . DA  B 1 4  ? 0.056   -4.792  2.488   1.00 0.00 ? 14 DA  B C2     1 
ATOM   430 N N3     . DA  B 1 4  ? 0.268   -4.509  3.773   1.00 0.00 ? 14 DA  B N3     1 
ATOM   431 C C4     . DA  B 1 4  ? -0.848  -3.996  4.366   1.00 0.00 ? 14 DA  B C4     1 
ATOM   432 H "H5'"  . DA  B 1 4  ? -1.773  -5.030  10.001  1.00 0.00 ? 14 DA  B "H5'"  1 
ATOM   433 H "H5''" . DA  B 1 4  ? -1.010  -3.736  10.946  1.00 0.00 ? 14 DA  B "H5''" 1 
ATOM   434 H "H4'"  . DA  B 1 4  ? 0.612   -4.826  9.369   1.00 0.00 ? 14 DA  B "H4'"  1 
ATOM   435 H "H3'"  . DA  B 1 4  ? 0.370   -2.152  9.652   1.00 0.00 ? 14 DA  B "H3'"  1 
ATOM   436 H "H2'"  . DA  B 1 4  ? -0.728  -1.845  7.638   1.00 0.00 ? 14 DA  B "H2'"  1 
ATOM   437 H "H2''" . DA  B 1 4  ? 0.938   -1.720  7.006   1.00 0.00 ? 14 DA  B "H2''" 1 
ATOM   438 H "H1'"  . DA  B 1 4  ? 0.947   -4.060  6.459   1.00 0.00 ? 14 DA  B "H1'"  1 
ATOM   439 H H8     . DA  B 1 4  ? -2.670  -2.933  6.771   1.00 0.00 ? 14 DA  B H8     1 
ATOM   440 H H61    . DA  B 1 4  ? -3.209  -4.287  0.689   1.00 0.00 ? 14 DA  B H61    1 
ATOM   441 H H62    . DA  B 1 4  ? -4.056  -3.633  2.096   1.00 0.00 ? 14 DA  B H62    1 
ATOM   442 H H2     . DA  B 1 4  ? 0.899   -5.205  1.947   1.00 0.00 ? 14 DA  B H2     1 
ATOM   443 P P      . DA  B 1 5  ? 3.210   -2.023  8.961   1.00 0.00 ? 15 DA  B P      1 
ATOM   444 O OP1    . DA  B 1 5  ? 4.145   -2.330  10.064  1.00 0.00 ? 15 DA  B OP1    1 
ATOM   445 O OP2    . DA  B 1 5  ? 2.605   -0.676  8.853   1.00 0.00 ? 15 DA  B OP2    1 
ATOM   446 O "O5'"  . DA  B 1 5  ? 3.934   -2.360  7.566   1.00 0.00 ? 15 DA  B "O5'"  1 
ATOM   447 C "C5'"  . DA  B 1 5  ? 4.619   -3.587  7.366   1.00 0.00 ? 15 DA  B "C5'"  1 
ATOM   448 C "C4'"  . DA  B 1 5  ? 5.136   -3.655  5.928   1.00 0.00 ? 15 DA  B "C4'"  1 
ATOM   449 O "O4'"  . DA  B 1 5  ? 4.041   -3.665  5.033   1.00 0.00 ? 15 DA  B "O4'"  1 
ATOM   450 C "C3'"  . DA  B 1 5  ? 6.076   -2.515  5.575   1.00 0.00 ? 15 DA  B "C3'"  1 
ATOM   451 O "O3'"  . DA  B 1 5  ? 7.240   -3.049  4.963   1.00 0.00 ? 15 DA  B "O3'"  1 
ATOM   452 C "C2'"  . DA  B 1 5  ? 5.196   -1.691  4.690   1.00 0.00 ? 15 DA  B "C2'"  1 
ATOM   453 C "C1'"  . DA  B 1 5  ? 4.268   -2.694  4.040   1.00 0.00 ? 15 DA  B "C1'"  1 
ATOM   454 N N9     . DA  B 1 5  ? 2.963   -2.099  3.693   1.00 0.00 ? 15 DA  B N9     1 
ATOM   455 C C8     . DA  B 1 5  ? 2.137   -1.440  4.555   1.00 0.00 ? 15 DA  B C8     1 
ATOM   456 N N7     . DA  B 1 5  ? 1.001   -1.049  4.055   1.00 0.00 ? 15 DA  B N7     1 
ATOM   457 C C5     . DA  B 1 5  ? 1.090   -1.505  2.737   1.00 0.00 ? 15 DA  B C5     1 
ATOM   458 C C6     . DA  B 1 5  ? 0.210   -1.473  1.637   1.00 0.00 ? 15 DA  B C6     1 
ATOM   459 N N6     . DA  B 1 5  ? -1.005  -0.956  1.699   1.00 0.00 ? 15 DA  B N6     1 
ATOM   460 N N1     . DA  B 1 5  ? 0.571   -2.006  0.465   1.00 0.00 ? 15 DA  B N1     1 
ATOM   461 C C2     . DA  B 1 5  ? 1.769   -2.581  0.375   1.00 0.00 ? 15 DA  B C2     1 
ATOM   462 N N3     . DA  B 1 5  ? 2.688   -2.702  1.330   1.00 0.00 ? 15 DA  B N3     1 
ATOM   463 C C4     . DA  B 1 5  ? 2.281   -2.143  2.501   1.00 0.00 ? 15 DA  B C4     1 
ATOM   464 H "H5'"  . DA  B 1 5  ? 3.939   -4.423  7.539   1.00 0.00 ? 15 DA  B "H5'"  1 
ATOM   465 H "H5''" . DA  B 1 5  ? 5.457   -3.657  8.060   1.00 0.00 ? 15 DA  B "H5''" 1 
ATOM   466 H "H4'"  . DA  B 1 5  ? 5.702   -4.549  5.750   1.00 0.00 ? 15 DA  B "H4'"  1 
ATOM   467 H "H3'"  . DA  B 1 5  ? 6.325   -1.895  6.418   1.00 0.00 ? 15 DA  B "H3'"  1 
ATOM   468 H "H2'"  . DA  B 1 5  ? 4.645   -1.030  5.348   1.00 0.00 ? 15 DA  B "H2'"  1 
ATOM   469 H "H2''" . DA  B 1 5  ? 5.804   -1.171  3.979   1.00 0.00 ? 15 DA  B "H2''" 1 
ATOM   470 H "H1'"  . DA  B 1 5  ? 4.781   -3.122  3.191   1.00 0.00 ? 15 DA  B "H1'"  1 
ATOM   471 H H8     . DA  B 1 5  ? 2.451   -1.288  5.570   1.00 0.00 ? 15 DA  B H8     1 
ATOM   472 H H61    . DA  B 1 5  ? -1.638  -1.051  0.903   1.00 0.00 ? 15 DA  B H61    1 
ATOM   473 H H62    . DA  B 1 5  ? -1.304  -0.552  2.570   1.00 0.00 ? 15 DA  B H62    1 
ATOM   474 H H2     . DA  B 1 5  ? 2.027   -2.992  -0.590  1.00 0.00 ? 15 DA  B H2     1 
ATOM   475 P P      . DT  B 1 6  ? 8.465   -2.131  4.453   1.00 0.00 ? 16 DT  B P      1 
ATOM   476 O OP1    . DT  B 1 6  ? 9.671   -2.979  4.338   1.00 0.00 ? 16 DT  B OP1    1 
ATOM   477 O OP2    . DT  B 1 6  ? 8.500   -0.892  5.260   1.00 0.00 ? 16 DT  B OP2    1 
ATOM   478 O "O5'"  . DT  B 1 6  ? 7.959   -1.756  2.973   1.00 0.00 ? 16 DT  B "O5'"  1 
ATOM   479 C "C5'"  . DT  B 1 6  ? 7.828   -2.748  1.972   1.00 0.00 ? 16 DT  B "C5'"  1 
ATOM   480 C "C4'"  . DT  B 1 6  ? 7.298   -2.143  0.671   1.00 0.00 ? 16 DT  B "C4'"  1 
ATOM   481 O "O4'"  . DT  B 1 6  ? 5.898   -1.883  0.727   1.00 0.00 ? 16 DT  B "O4'"  1 
ATOM   482 C "C3'"  . DT  B 1 6  ? 8.005   -0.833  0.297   1.00 0.00 ? 16 DT  B "C3'"  1 
ATOM   483 O "O3'"  . DT  B 1 6  ? 8.533   -1.013  -1.007  1.00 0.00 ? 16 DT  B "O3'"  1 
ATOM   484 C "C2'"  . DT  B 1 6  ? 6.885   0.177   0.443   1.00 0.00 ? 16 DT  B "C2'"  1 
ATOM   485 C "C1'"  . DT  B 1 6  ? 5.637   -0.613  0.150   1.00 0.00 ? 16 DT  B "C1'"  1 
ATOM   486 N N1     . DT  B 1 6  ? 4.412   0.043   0.653   1.00 0.00 ? 16 DT  B N1     1 
ATOM   487 C C2     . DT  B 1 6  ? 3.362   0.326   -0.223  1.00 0.00 ? 16 DT  B C2     1 
ATOM   488 O O2     . DT  B 1 6  ? 3.363   0.004   -1.405  1.00 0.00 ? 16 DT  B O2     1 
ATOM   489 N N3     . DT  B 1 6  ? 2.309   1.045   0.301   1.00 0.00 ? 16 DT  B N3     1 
ATOM   490 C C4     . DT  B 1 6  ? 2.222   1.552   1.585   1.00 0.00 ? 16 DT  B C4     1 
ATOM   491 O O4     . DT  B 1 6  ? 1.209   2.162   1.912   1.00 0.00 ? 16 DT  B O4     1 
ATOM   492 C C5     . DT  B 1 6  ? 3.392   1.271   2.414   1.00 0.00 ? 16 DT  B C5     1 
ATOM   493 C C7     . DT  B 1 6  ? 3.566   1.788   3.823   1.00 0.00 ? 16 DT  B C7     1 
ATOM   494 C C6     . DT  B 1 6  ? 4.403   0.527   1.926   1.00 0.00 ? 16 DT  B C6     1 
ATOM   495 H "H5'"  . DT  B 1 6  ? 7.147   -3.533  2.304   1.00 0.00 ? 16 DT  B "H5'"  1 
ATOM   496 H "H5''" . DT  B 1 6  ? 8.808   -3.188  1.782   1.00 0.00 ? 16 DT  B "H5''" 1 
ATOM   497 H "H4'"  . DT  B 1 6  ? 7.462   -2.873  -0.124  1.00 0.00 ? 16 DT  B "H4'"  1 
ATOM   498 H "H3'"  . DT  B 1 6  ? 8.770   -0.521  0.995   1.00 0.00 ? 16 DT  B "H3'"  1 
ATOM   499 H "H2'"  . DT  B 1 6  ? 6.926   0.588   1.430   1.00 0.00 ? 16 DT  B "H2'"  1 
ATOM   500 H "H2''" . DT  B 1 6  ? 6.936   1.023   -0.182  1.00 0.00 ? 16 DT  B "H2''" 1 
ATOM   501 H "H1'"  . DT  B 1 6  ? 5.598   -0.652  -0.932  1.00 0.00 ? 16 DT  B "H1'"  1 
ATOM   502 H H3     . DT  B 1 6  ? 1.545   1.227   -0.342  1.00 0.00 ? 16 DT  B H3     1 
ATOM   503 H H71    . DT  B 1 6  ? 4.549   1.474   4.207   1.00 0.00 ? 16 DT  B H71    1 
ATOM   504 H H72    . DT  B 1 6  ? 3.505   2.873   3.815   1.00 0.00 ? 16 DT  B H72    1 
ATOM   505 H H73    . DT  B 1 6  ? 2.775   1.395   4.451   1.00 0.00 ? 16 DT  B H73    1 
ATOM   506 H H6     . DT  B 1 6  ? 5.253   0.326   2.535   1.00 0.00 ? 16 DT  B H6     1 
HETATM 507 P P      . ATD B 1 7  ? 8.996   0.211   -1.929  1.00 0.00 ? 17 ATD B P      1 
HETATM 508 O OP1    . ATD B 1 7  ? 9.750   -0.319  -3.086  1.00 0.00 ? 17 ATD B OP1    1 
HETATM 509 O OP2    . ATD B 1 7  ? 9.566   1.284   -1.085  1.00 0.00 ? 17 ATD B OP2    1 
HETATM 510 O "O5'"  . ATD B 1 7  ? 8.908   2.736   -6.424  1.00 0.00 ? 17 ATD B "O5'"  1 
HETATM 511 C "C5'"  . ATD B 1 7  ? 8.296   1.630   -5.805  1.00 0.00 ? 17 ATD B "C5'"  1 
HETATM 512 C "C4'"  . ATD B 1 7  ? 7.831   1.938   -4.392  1.00 0.00 ? 17 ATD B "C4'"  1 
HETATM 513 O "O4'"  . ATD B 1 7  ? 6.932   3.010   -4.236  1.00 0.00 ? 17 ATD B "O4'"  1 
HETATM 514 C "C3'"  . ATD B 1 7  ? 7.154   0.748   -3.753  1.00 0.00 ? 17 ATD B "C3'"  1 
HETATM 515 O "O3'"  . ATD B 1 7  ? 7.526   0.667   -2.408  1.00 0.00 ? 17 ATD B "O3'"  1 
HETATM 516 C "C2'"  . ATD B 1 7  ? 5.667   1.026   -3.933  1.00 0.00 ? 17 ATD B "C2'"  1 
HETATM 517 C "C1'"  . ATD B 1 7  ? 5.608   2.544   -4.032  1.00 0.00 ? 17 ATD B "C1'"  1 
HETATM 518 N N1     . ATD B 1 7  ? 5.018   3.031   -2.766  1.00 0.00 ? 17 ATD B N1     1 
HETATM 519 C C2     . ATD B 1 7  ? 3.668   3.389   -2.725  1.00 0.00 ? 17 ATD B C2     1 
HETATM 520 O O2     . ATD B 1 7  ? 2.908   3.272   -3.680  1.00 0.00 ? 17 ATD B O2     1 
HETATM 521 N N3     . ATD B 1 7  ? 3.214   3.919   -1.535  1.00 0.00 ? 17 ATD B N3     1 
HETATM 522 C C4     . ATD B 1 7  ? 3.981   4.148   -0.408  1.00 0.00 ? 17 ATD B C4     1 
HETATM 523 O O4     . ATD B 1 7  ? 3.453   4.658   0.574   1.00 0.00 ? 17 ATD B O4     1 
HETATM 524 C C5     . ATD B 1 7  ? 5.368   3.701   -0.525  1.00 0.00 ? 17 ATD B C5     1 
HETATM 525 C C5M    . ATD B 1 7  ? 6.381   3.882   0.578   1.00 0.00 ? 17 ATD B C5M    1 
HETATM 526 C C6     . ATD B 1 7  ? 5.809   3.115   -1.657  1.00 0.00 ? 17 ATD B C6     1 
HETATM 527 H "H5'"  . ATD B 1 7  ? 8.981   0.779   -5.822  1.00 0.00 ? 17 ATD B "H5'"  1 
HETATM 528 H "H5''" . ATD B 1 7  ? 7.424   1.372   -6.356  1.00 0.00 ? 17 ATD B "H5''" 1 
HETATM 529 H "H4'"  . ATD B 1 7  ? 8.691   2.182   -3.839  1.00 0.00 ? 17 ATD B "H4'"  1 
HETATM 530 H "H3'"  . ATD B 1 7  ? 7.453   -0.160  -4.211  1.00 0.00 ? 17 ATD B "H3'"  1 
HETATM 531 H "H2'"  . ATD B 1 7  ? 5.280   0.618   -4.850  1.00 0.00 ? 17 ATD B "H2'"  1 
HETATM 532 H "H2''" . ATD B 1 7  ? 5.093   0.634   -3.096  1.00 0.00 ? 17 ATD B "H2''" 1 
HETATM 533 H "H1'"  . ATD B 1 7  ? 5.036   2.927   -4.876  1.00 0.00 ? 17 ATD B "H1'"  1 
HETATM 534 H H3     . ATD B 1 7  ? 2.243   4.222   -1.522  1.00 0.00 ? 17 ATD B H3     1 
HETATM 535 H H71    . ATD B 1 7  ? 7.375   3.605   0.218   1.00 0.00 ? 17 ATD B H71    1 
HETATM 536 H H72    . ATD B 1 7  ? 6.388   4.921   0.903   1.00 0.00 ? 17 ATD B H72    1 
HETATM 537 H H73    . ATD B 1 7  ? 6.117   3.239   1.400   1.00 0.00 ? 17 ATD B H73    1 
HETATM 538 H H6     . ATD B 1 7  ? 6.807   2.711   -1.712  1.00 0.00 ? 17 ATD B H6     1 
ATOM   539 P P      . DC  B 1 8  ? 8.594   3.049   -7.970  1.00 0.00 ? 18 DC  B P      1 
ATOM   540 O OP1    . DC  B 1 8  ? 8.683   1.790   -8.746  1.00 0.00 ? 18 DC  B OP1    1 
ATOM   541 O OP2    . DC  B 1 8  ? 9.376   4.235   -8.378  1.00 0.00 ? 18 DC  B OP2    1 
ATOM   542 O "O5'"  . DC  B 1 8  ? 7.047   3.484   -7.833  1.00 0.00 ? 18 DC  B "O5'"  1 
ATOM   543 C "C5'"  . DC  B 1 8  ? 5.948   2.717   -8.318  1.00 0.00 ? 18 DC  B "C5'"  1 
ATOM   544 C "C4'"  . DC  B 1 8  ? 4.685   3.580   -8.170  1.00 0.00 ? 18 DC  B "C4'"  1 
ATOM   545 O "O4'"  . DC  B 1 8  ? 4.341   3.706   -6.794  1.00 0.00 ? 18 DC  B "O4'"  1 
ATOM   546 C "C3'"  . DC  B 1 8  ? 4.940   4.934   -8.809  1.00 0.00 ? 18 DC  B "C3'"  1 
ATOM   547 O "O3'"  . DC  B 1 8  ? 4.105   5.126   -9.935  1.00 0.00 ? 18 DC  B "O3'"  1 
ATOM   548 C "C2'"  . DC  B 1 8  ? 4.600   5.810   -7.634  1.00 0.00 ? 18 DC  B "C2'"  1 
ATOM   549 C "C1'"  . DC  B 1 8  ? 3.954   5.034   -6.526  1.00 0.00 ? 18 DC  B "C1'"  1 
ATOM   550 N N1     . DC  B 1 8  ? 4.300   5.609   -5.214  1.00 0.00 ? 18 DC  B N1     1 
ATOM   551 C C2     . DC  B 1 8  ? 3.363   6.317   -4.440  1.00 0.00 ? 18 DC  B C2     1 
ATOM   552 O O2     . DC  B 1 8  ? 2.225   6.544   -4.847  1.00 0.00 ? 18 DC  B O2     1 
ATOM   553 N N3     . DC  B 1 8  ? 3.710   6.790   -3.211  1.00 0.00 ? 18 DC  B N3     1 
ATOM   554 C C4     . DC  B 1 8  ? 4.954   6.609   -2.788  1.00 0.00 ? 18 DC  B C4     1 
ATOM   555 N N4     . DC  B 1 8  ? 5.257   7.014   -1.578  1.00 0.00 ? 18 DC  B N4     1 
ATOM   556 C C5     . DC  B 1 8  ? 5.926   5.940   -3.587  1.00 0.00 ? 18 DC  B C5     1 
ATOM   557 C C6     . DC  B 1 8  ? 5.574   5.486   -4.794  1.00 0.00 ? 18 DC  B C6     1 
ATOM   558 H "H5'"  . DC  B 1 8  ? 5.835   1.793   -7.753  1.00 0.00 ? 18 DC  B "H5'"  1 
ATOM   559 H "H5''" . DC  B 1 8  ? 6.104   2.484   -9.372  1.00 0.00 ? 18 DC  B "H5''" 1 
ATOM   560 H "H4'"  . DC  B 1 8  ? 3.821   3.190   -8.678  1.00 0.00 ? 18 DC  B "H4'"  1 
ATOM   561 H "H3'"  . DC  B 1 8  ? 5.980   5.078   -9.103  1.00 0.00 ? 18 DC  B "H3'"  1 
ATOM   562 H "H2'"  . DC  B 1 8  ? 5.576   6.087   -7.280  1.00 0.00 ? 18 DC  B "H2'"  1 
ATOM   563 H "H2''" . DC  B 1 8  ? 3.948   6.609   -7.847  1.00 0.00 ? 18 DC  B "H2''" 1 
ATOM   564 H "H1'"  . DC  B 1 8  ? 2.891   5.147   -6.613  1.00 0.00 ? 18 DC  B "H1'"  1 
ATOM   565 H H41    . DC  B 1 8  ? 4.557   7.511   -1.022  1.00 0.00 ? 18 DC  B H41    1 
ATOM   566 H H42    . DC  B 1 8  ? 6.206   6.954   -1.267  1.00 0.00 ? 18 DC  B H42    1 
ATOM   567 H H5     . DC  B 1 8  ? 6.917   5.685   -3.337  1.00 0.00 ? 18 DC  B H5     1 
ATOM   568 H H6     . DC  B 1 8  ? 6.278   4.942   -5.410  1.00 0.00 ? 18 DC  B H6     1 
ATOM   569 P P      . DG  B 1 9  ? 4.361   6.330   -10.983 1.00 0.00 ? 19 DG  B P      1 
ATOM   570 O OP1    . DG  B 1 9  ? 3.558   6.065   -12.198 1.00 0.00 ? 19 DG  B OP1    1 
ATOM   571 O OP2    . DG  B 1 9  ? 5.818   6.565   -11.099 1.00 0.00 ? 19 DG  B OP2    1 
ATOM   572 O "O5'"  . DG  B 1 9  ? 3.712   7.578   -10.206 1.00 0.00 ? 19 DG  B "O5'"  1 
ATOM   573 C "C5'"  . DG  B 1 9  ? 2.314   7.652   -10.027 1.00 0.00 ? 19 DG  B "C5'"  1 
ATOM   574 C "C4'"  . DG  B 1 9  ? 1.915   8.881   -9.216  1.00 0.00 ? 19 DG  B "C4'"  1 
ATOM   575 O "O4'"  . DG  B 1 9  ? 2.171   8.739   -7.836  1.00 0.00 ? 19 DG  B "O4'"  1 
ATOM   576 C "C3'"  . DG  B 1 9  ? 2.530   10.188  -9.692  1.00 0.00 ? 19 DG  B "C3'"  1 
ATOM   577 O "O3'"  . DG  B 1 9  ? 1.492   11.121  -9.967  1.00 0.00 ? 19 DG  B "O3'"  1 
ATOM   578 C "C2'"  . DG  B 1 9  ? 3.421   10.588  -8.548  1.00 0.00 ? 19 DG  B "C2'"  1 
ATOM   579 C "C1'"  . DG  B 1 9  ? 2.690   9.964   -7.364  1.00 0.00 ? 19 DG  B "C1'"  1 
ATOM   580 N N9     . DG  B 1 9  ? 3.524   9.718   -6.195  1.00 0.00 ? 19 DG  B N9     1 
ATOM   581 C C8     . DG  B 1 9  ? 4.738   9.125   -6.179  1.00 0.00 ? 19 DG  B C8     1 
ATOM   582 N N7     . DG  B 1 9  ? 5.341   9.140   -5.025  1.00 0.00 ? 19 DG  B N7     1 
ATOM   583 C C5     . DG  B 1 9  ? 4.419   9.806   -4.204  1.00 0.00 ? 19 DG  B C5     1 
ATOM   584 C C6     . DG  B 1 9  ? 4.494   10.236  -2.839  1.00 0.00 ? 19 DG  B C6     1 
ATOM   585 O O6     . DG  B 1 9  ? 5.402   10.090  -2.026  1.00 0.00 ? 19 DG  B O6     1 
ATOM   586 N N1     . DG  B 1 9  ? 3.388   10.963  -2.440  1.00 0.00 ? 19 DG  B N1     1 
ATOM   587 C C2     . DG  B 1 9  ? 2.324   11.252  -3.237  1.00 0.00 ? 19 DG  B C2     1 
ATOM   588 N N2     . DG  B 1 9  ? 1.393   12.044  -2.763  1.00 0.00 ? 19 DG  B N2     1 
ATOM   589 N N3     . DG  B 1 9  ? 2.213   10.870  -4.504  1.00 0.00 ? 19 DG  B N3     1 
ATOM   590 C C4     . DG  B 1 9  ? 3.294   10.149  -4.923  1.00 0.00 ? 19 DG  B C4     1 
ATOM   591 H "H5'"  . DG  B 1 9  ? 1.956   6.759   -9.514  1.00 0.00 ? 19 DG  B "H5'"  1 
ATOM   592 H "H5''" . DG  B 1 9  ? 1.836   7.709   -11.005 1.00 0.00 ? 19 DG  B "H5''" 1 
ATOM   593 H "H4'"  . DG  B 1 9  ? 0.861   8.986   -9.325  1.00 0.00 ? 19 DG  B "H4'"  1 
ATOM   594 H "H3'"  . DG  B 1 9  ? 3.149   10.056  -10.543 1.00 0.00 ? 19 DG  B "H3'"  1 
ATOM   595 H "H2'"  . DG  B 1 9  ? 4.404   10.132  -8.675  1.00 0.00 ? 19 DG  B "H2'"  1 
ATOM   596 H "H2''" . DG  B 1 9  ? 3.520   11.656  -8.545  1.00 0.00 ? 19 DG  B "H2''" 1 
ATOM   597 H "H1'"  . DG  B 1 9  ? 1.895   10.629  -7.061  1.00 0.00 ? 19 DG  B "H1'"  1 
ATOM   598 H H8     . DG  B 1 9  ? 5.082   8.737   -7.114  1.00 0.00 ? 19 DG  B H8     1 
ATOM   599 H H1     . DG  B 1 9  ? 3.418   11.350  -1.505  1.00 0.00 ? 19 DG  B H1     1 
ATOM   600 H H21    . DG  B 1 9  ? 1.473   12.483  -1.838  1.00 0.00 ? 19 DG  B H21    1 
ATOM   601 H H22    . DG  B 1 9  ? 0.637   12.242  -3.389  1.00 0.00 ? 19 DG  B H22    1 
ATOM   602 P P      . DC  B 1 10 ? 1.767   12.555  -10.667 1.00 0.00 ? 20 DC  B P      1 
ATOM   603 O OP1    . DC  B 1 10 ? 0.559   12.930  -11.436 1.00 0.00 ? 20 DC  B OP1    1 
ATOM   604 O OP2    . DC  B 1 10 ? 3.083   12.508  -11.342 1.00 0.00 ? 20 DC  B OP2    1 
ATOM   605 O "O5'"  . DC  B 1 10 ? 1.895   13.541  -9.397  1.00 0.00 ? 20 DC  B "O5'"  1 
ATOM   606 C "C5'"  . DC  B 1 10 ? 0.760   14.154  -8.809  1.00 0.00 ? 20 DC  B "C5'"  1 
ATOM   607 C "C4'"  . DC  B 1 10 ? 1.150   15.000  -7.592  1.00 0.00 ? 20 DC  B "C4'"  1 
ATOM   608 O "O4'"  . DC  B 1 10 ? 1.570   14.175  -6.523  1.00 0.00 ? 20 DC  B "O4'"  1 
ATOM   609 C "C3'"  . DC  B 1 10 ? 2.324   15.946  -7.840  1.00 0.00 ? 20 DC  B "C3'"  1 
ATOM   610 O "O3'"  . DC  B 1 10 ? 1.913   17.157  -8.445  1.00 0.00 ? 20 DC  B "O3'"  1 
ATOM   611 C "C2'"  . DC  B 1 10 ? 2.851   16.179  -6.431  1.00 0.00 ? 20 DC  B "C2'"  1 
ATOM   612 C "C1'"  . DC  B 1 10 ? 2.347   14.968  -5.638  1.00 0.00 ? 20 DC  B "C1'"  1 
ATOM   613 N N1     . DC  B 1 10 ? 3.489   14.226  -5.070  1.00 0.00 ? 20 DC  B N1     1 
ATOM   614 C C2     . DC  B 1 10 ? 4.024   14.599  -3.833  1.00 0.00 ? 20 DC  B C2     1 
ATOM   615 O O2     . DC  B 1 10 ? 3.500   15.477  -3.148  1.00 0.00 ? 20 DC  B O2     1 
ATOM   616 N N3     . DC  B 1 10 ? 5.149   13.998  -3.373  1.00 0.00 ? 20 DC  B N3     1 
ATOM   617 C C4     . DC  B 1 10 ? 5.726   13.060  -4.112  1.00 0.00 ? 20 DC  B C4     1 
ATOM   618 N N4     . DC  B 1 10 ? 6.772   12.477  -3.581  1.00 0.00 ? 20 DC  B N4     1 
ATOM   619 C C5     . DC  B 1 10 ? 5.207   12.652  -5.383  1.00 0.00 ? 20 DC  B C5     1 
ATOM   620 C C6     . DC  B 1 10 ? 4.086   13.264  -5.820  1.00 0.00 ? 20 DC  B C6     1 
ATOM   621 H "H5'"  . DC  B 1 10 ? 0.046   13.389  -8.500  1.00 0.00 ? 20 DC  B "H5'"  1 
ATOM   622 H "H5''" . DC  B 1 10 ? 0.286   14.803  -9.548  1.00 0.00 ? 20 DC  B "H5''" 1 
ATOM   623 H "H4'"  . DC  B 1 10 ? 0.289   15.587  -7.270  1.00 0.00 ? 20 DC  B "H4'"  1 
ATOM   624 H "H3'"  . DC  B 1 10 ? 3.093   15.437  -8.425  1.00 0.00 ? 20 DC  B "H3'"  1 
ATOM   625 H "HO3'" . DC  B 1 10 ? 2.679   17.717  -8.599  1.00 0.00 ? 20 DC  B "HO3'" 1 
ATOM   626 H "H2'"  . DC  B 1 10 ? 3.941   16.251  -6.439  1.00 0.00 ? 20 DC  B "H2'"  1 
ATOM   627 H "H2''" . DC  B 1 10 ? 2.431   17.075  -5.992  1.00 0.00 ? 20 DC  B "H2''" 1 
ATOM   628 H "H1'"  . DC  B 1 10 ? 1.718   15.286  -4.821  1.00 0.00 ? 20 DC  B "H1'"  1 
ATOM   629 H H41    . DC  B 1 10 ? 7.009   12.760  -2.625  1.00 0.00 ? 20 DC  B H41    1 
ATOM   630 H H42    . DC  B 1 10 ? 7.167   11.658  -4.001  1.00 0.00 ? 20 DC  B H42    1 
ATOM   631 H H5     . DC  B 1 10 ? 5.619   11.877  -6.001  1.00 0.00 ? 20 DC  B H5     1 
ATOM   632 H H6     . DC  B 1 10 ? 3.603   13.018  -6.752  1.00 0.00 ? 20 DC  B H6     1 
# 
